data_9NXJ
#
_entry.id   9NXJ
#
_cell.length_a   105.304
_cell.length_b   105.304
_cell.length_c   128.856
_cell.angle_alpha   90.000
_cell.angle_beta   90.000
_cell.angle_gamma   120.000
#
_symmetry.space_group_name_H-M   'P 65'
#
loop_
_entity.id
_entity.type
_entity.pdbx_description
1 polymer 'Glycoside hydrolase family 43'
2 non-polymer alpha-L-arabinofuranose
3 non-polymer 'SULFATE ION'
4 water water
#
_entity_poly.entity_id   1
_entity_poly.type   'polypeptide(L)'
_entity_poly.pdbx_seq_one_letter_code
;MDPDKADDSVIVTNPIVRRRADPWVYRHTDGYYYMTASVPEYDRIELRRSRTLQGLSTATPKTIWRRHSSGIMGGHIWAP
EIHFIDGKWYIYFSAGTSTNYFDIRLYVLECSDSNPLTGTWVEKGQLKTNWESFTLDATTFEHNGTRYLVWAQKDPKIAS
NSNIYIAKMNGPLAITGNQVMISTPEYSWEKIGYAVNEGPAVLKKNGKIFITFSASATDANYCMGLLTASDTANLLDPKS
WHKSPNPVFQSNPSTGQYGPGHNSFTTSPDGKVDIMVYHARNYRDITGDPLYDPNRHTRAQIVNWNADGTPDFGIPVADG
TNVIYIPPQLEHHHHHH
;
_entity_poly.pdbx_strand_id   A,B
#
# COMPACT_ATOMS: atom_id res chain seq x y z
N PRO A 3 -28.15 -2.69 -7.90
CA PRO A 3 -28.85 -3.98 -7.85
C PRO A 3 -28.42 -4.92 -9.00
N ASP A 4 -27.70 -6.00 -8.68
CA ASP A 4 -27.32 -7.03 -9.67
C ASP A 4 -28.15 -8.29 -9.41
N LYS A 5 -29.17 -8.47 -10.25
CA LYS A 5 -30.02 -9.65 -10.24
C LYS A 5 -29.31 -10.75 -11.03
N ALA A 6 -29.44 -12.00 -10.59
CA ALA A 6 -28.78 -13.11 -11.27
C ALA A 6 -29.54 -13.45 -12.57
N ASP A 7 -28.88 -14.24 -13.43
CA ASP A 7 -29.45 -14.57 -14.73
C ASP A 7 -28.65 -15.72 -15.32
N ASP A 8 -29.35 -16.68 -15.94
CA ASP A 8 -28.62 -17.77 -16.58
C ASP A 8 -28.22 -17.46 -18.00
N SER A 9 -28.88 -16.51 -18.65
CA SER A 9 -28.44 -16.06 -19.95
C SER A 9 -27.29 -15.09 -19.77
N VAL A 10 -26.40 -15.03 -20.75
CA VAL A 10 -25.25 -14.13 -20.68
C VAL A 10 -25.39 -13.17 -21.85
N ILE A 11 -25.81 -11.94 -21.56
CA ILE A 11 -25.95 -10.89 -22.56
C ILE A 11 -25.20 -9.67 -22.07
N VAL A 12 -24.30 -9.14 -22.91
CA VAL A 12 -23.43 -8.07 -22.46
C VAL A 12 -23.49 -6.92 -23.46
N THR A 13 -23.12 -5.74 -22.97
CA THR A 13 -22.88 -4.56 -23.80
C THR A 13 -21.40 -4.22 -23.74
N ASN A 14 -20.72 -4.37 -24.85
CA ASN A 14 -19.31 -4.02 -24.91
C ASN A 14 -19.15 -2.55 -25.29
N PRO A 15 -18.19 -1.83 -24.66
CA PRO A 15 -17.31 -2.36 -23.60
C PRO A 15 -18.03 -2.57 -22.27
N ILE A 16 -17.61 -3.58 -21.50
CA ILE A 16 -18.23 -3.82 -20.19
C ILE A 16 -17.69 -2.87 -19.15
N VAL A 17 -16.36 -2.69 -19.12
CA VAL A 17 -15.67 -1.80 -18.18
C VAL A 17 -14.63 -1.01 -18.94
N ARG A 18 -14.88 0.28 -19.15
CA ARG A 18 -13.92 1.15 -19.82
C ARG A 18 -12.74 1.44 -18.93
N ARG A 19 -11.59 1.71 -19.56
CA ARG A 19 -10.35 2.16 -18.89
C ARG A 19 -9.86 1.13 -17.87
N ARG A 20 -10.02 -0.16 -18.19
CA ARG A 20 -9.46 -1.23 -17.37
C ARG A 20 -8.84 -2.26 -18.30
N ALA A 21 -7.53 -2.38 -18.23
CA ALA A 21 -6.77 -3.33 -19.02
C ALA A 21 -6.55 -4.62 -18.22
N ASP A 22 -6.13 -5.66 -18.93
CA ASP A 22 -5.81 -6.95 -18.32
C ASP A 22 -6.95 -7.52 -17.46
N PRO A 23 -8.16 -7.67 -18.00
CA PRO A 23 -9.29 -8.11 -17.17
C PRO A 23 -9.15 -9.56 -16.74
N TRP A 24 -9.37 -9.79 -15.45
CA TRP A 24 -9.37 -11.15 -14.90
C TRP A 24 -10.71 -11.38 -14.22
N VAL A 25 -11.48 -12.34 -14.73
CA VAL A 25 -12.83 -12.60 -14.21
C VAL A 25 -12.89 -14.03 -13.69
N TYR A 26 -13.28 -14.18 -12.43
CA TYR A 26 -13.35 -15.48 -11.79
C TYR A 26 -14.77 -15.69 -11.27
N ARG A 27 -15.41 -16.77 -11.72
CA ARG A 27 -16.76 -17.11 -11.27
C ARG A 27 -16.64 -18.04 -10.06
N HIS A 28 -17.09 -17.55 -8.90
CA HIS A 28 -16.96 -18.23 -7.62
C HIS A 28 -18.18 -19.09 -7.31
N THR A 29 -18.05 -19.91 -6.26
CA THR A 29 -19.14 -20.78 -5.82
C THR A 29 -20.26 -20.03 -5.12
N ASP A 30 -20.15 -18.71 -4.95
CA ASP A 30 -21.12 -17.96 -4.18
C ASP A 30 -22.09 -17.21 -5.05
N GLY A 31 -22.10 -17.49 -6.36
CA GLY A 31 -23.01 -16.81 -7.27
C GLY A 31 -22.47 -15.54 -7.87
N TYR A 32 -21.21 -15.19 -7.60
CA TYR A 32 -20.63 -13.92 -8.05
C TYR A 32 -19.46 -14.12 -9.01
N TYR A 33 -19.40 -13.22 -10.00
CA TYR A 33 -18.20 -12.98 -10.77
C TYR A 33 -17.32 -11.99 -10.01
N TYR A 34 -16.03 -12.28 -9.92
CA TYR A 34 -15.06 -11.36 -9.34
C TYR A 34 -14.11 -10.88 -10.43
N MET A 35 -13.84 -9.58 -10.45
CA MET A 35 -13.01 -8.98 -11.47
C MET A 35 -11.87 -8.18 -10.86
N THR A 36 -10.65 -8.46 -11.32
CA THR A 36 -9.52 -7.56 -11.10
C THR A 36 -8.93 -7.18 -12.47
N ALA A 37 -8.15 -6.10 -12.50
CA ALA A 37 -7.61 -5.56 -13.74
C ALA A 37 -6.56 -4.50 -13.41
N SER A 38 -5.85 -4.06 -14.45
CA SER A 38 -4.93 -2.93 -14.36
C SER A 38 -5.68 -1.62 -14.48
N VAL A 39 -5.46 -0.72 -13.54
CA VAL A 39 -5.96 0.65 -13.63
C VAL A 39 -4.93 1.47 -14.39
N PRO A 40 -5.34 2.56 -15.03
CA PRO A 40 -4.40 3.28 -15.91
C PRO A 40 -3.20 3.87 -15.19
N GLU A 41 -3.34 4.24 -13.92
CA GLU A 41 -2.26 4.77 -13.11
C GLU A 41 -1.27 3.69 -12.68
N TYR A 42 -1.60 2.42 -12.86
CA TYR A 42 -0.73 1.31 -12.44
C TYR A 42 -0.32 1.44 -10.98
N ASP A 43 -1.26 1.82 -10.11
CA ASP A 43 -0.90 2.20 -8.75
C ASP A 43 -1.74 1.50 -7.70
N ARG A 44 -2.64 0.60 -8.08
CA ARG A 44 -3.46 -0.04 -7.07
C ARG A 44 -4.09 -1.30 -7.64
N ILE A 45 -4.71 -2.05 -6.74
CA ILE A 45 -5.46 -3.25 -7.07
C ILE A 45 -6.91 -2.98 -6.70
N GLU A 46 -7.79 -2.94 -7.70
CA GLU A 46 -9.22 -2.76 -7.45
C GLU A 46 -10.00 -4.06 -7.67
N LEU A 47 -11.05 -4.24 -6.90
CA LEU A 47 -11.82 -5.47 -6.96
C LEU A 47 -13.29 -5.08 -7.07
N ARG A 48 -14.06 -5.85 -7.83
CA ARG A 48 -15.49 -5.64 -7.98
C ARG A 48 -16.16 -6.99 -8.16
N ARG A 49 -17.46 -7.04 -7.93
CA ARG A 49 -18.13 -8.31 -8.10
C ARG A 49 -19.55 -8.07 -8.56
N SER A 50 -20.10 -9.07 -9.25
CA SER A 50 -21.46 -8.96 -9.74
C SER A 50 -21.98 -10.36 -9.96
N ARG A 51 -23.31 -10.51 -9.89
CA ARG A 51 -23.89 -11.81 -10.16
C ARG A 51 -23.84 -12.16 -11.62
N THR A 52 -23.75 -11.16 -12.49
CA THR A 52 -23.69 -11.39 -13.93
C THR A 52 -22.49 -10.67 -14.51
N LEU A 53 -22.07 -11.17 -15.68
CA LEU A 53 -20.95 -10.55 -16.37
C LEU A 53 -21.27 -9.09 -16.68
N GLN A 54 -22.44 -8.84 -17.28
CA GLN A 54 -22.82 -7.47 -17.61
C GLN A 54 -22.90 -6.60 -16.37
N GLY A 55 -23.31 -7.19 -15.24
CA GLY A 55 -23.36 -6.45 -13.99
C GLY A 55 -22.05 -5.82 -13.58
N LEU A 56 -20.92 -6.37 -14.04
CA LEU A 56 -19.62 -5.78 -13.76
C LEU A 56 -19.53 -4.34 -14.23
N SER A 57 -20.35 -3.96 -15.22
CA SER A 57 -20.29 -2.56 -15.68
C SER A 57 -20.77 -1.59 -14.61
N THR A 58 -21.70 -2.00 -13.76
CA THR A 58 -22.25 -1.10 -12.75
C THR A 58 -21.88 -1.47 -11.32
N ALA A 59 -21.16 -2.56 -11.10
CA ALA A 59 -20.75 -2.88 -9.74
C ALA A 59 -19.79 -1.80 -9.22
N THR A 60 -19.87 -1.53 -7.92
CA THR A 60 -18.99 -0.50 -7.33
C THR A 60 -17.61 -1.09 -7.05
N PRO A 61 -16.56 -0.60 -7.70
CA PRO A 61 -15.22 -1.14 -7.44
C PRO A 61 -14.63 -0.59 -6.16
N LYS A 62 -13.83 -1.43 -5.51
CA LYS A 62 -13.18 -1.09 -4.25
C LYS A 62 -11.68 -1.17 -4.46
N THR A 63 -10.96 -0.16 -4.01
CA THR A 63 -9.51 -0.27 -3.94
C THR A 63 -9.14 -1.10 -2.71
N ILE A 64 -8.51 -2.24 -2.91
CA ILE A 64 -8.17 -3.10 -1.77
C ILE A 64 -6.71 -3.06 -1.43
N TRP A 65 -5.88 -2.46 -2.27
CA TRP A 65 -4.45 -2.47 -2.06
C TRP A 65 -3.84 -1.38 -2.92
N ARG A 66 -2.88 -0.65 -2.35
CA ARG A 66 -2.20 0.45 -3.02
C ARG A 66 -0.69 0.30 -2.87
N ARG A 67 0.04 0.79 -3.86
CA ARG A 67 1.47 0.57 -3.82
C ARG A 67 2.12 1.24 -2.62
N HIS A 68 3.23 0.66 -2.20
CA HIS A 68 4.01 1.20 -1.10
C HIS A 68 4.63 2.56 -1.43
N SER A 69 4.80 3.36 -0.38
CA SER A 69 5.43 4.66 -0.55
C SER A 69 6.86 4.53 -1.04
N SER A 70 7.60 3.53 -0.55
CA SER A 70 8.94 3.29 -1.06
C SER A 70 9.27 1.82 -0.91
N GLY A 71 10.30 1.39 -1.64
CA GLY A 71 10.77 0.01 -1.56
C GLY A 71 10.09 -0.94 -2.54
N ILE A 72 10.01 -2.24 -2.15
CA ILE A 72 9.39 -3.22 -3.03
C ILE A 72 7.88 -3.02 -3.06
N MET A 73 7.26 -3.42 -4.16
CA MET A 73 5.85 -3.16 -4.35
C MET A 73 5.54 -1.66 -4.33
N GLY A 74 6.54 -0.84 -4.73
CA GLY A 74 6.37 0.61 -4.77
C GLY A 74 6.39 1.20 -6.17
N GLY A 75 6.61 0.37 -7.18
CA GLY A 75 6.63 0.76 -8.58
C GLY A 75 5.30 0.54 -9.28
N HIS A 76 5.38 0.12 -10.54
CA HIS A 76 4.18 -0.18 -11.30
C HIS A 76 3.43 -1.35 -10.66
N ILE A 77 2.11 -1.33 -10.76
CA ILE A 77 1.25 -2.37 -10.24
C ILE A 77 0.44 -2.90 -11.43
N TRP A 78 0.71 -4.13 -11.85
CA TRP A 78 0.22 -4.64 -13.11
C TRP A 78 -0.57 -5.95 -12.95
N ALA A 79 -1.72 -6.01 -13.60
CA ALA A 79 -2.38 -7.26 -13.95
C ALA A 79 -2.58 -8.24 -12.77
N PRO A 80 -3.32 -7.84 -11.74
CA PRO A 80 -3.63 -8.78 -10.67
C PRO A 80 -4.71 -9.79 -11.06
N GLU A 81 -4.60 -10.99 -10.51
CA GLU A 81 -5.62 -12.03 -10.67
C GLU A 81 -6.06 -12.55 -9.32
N ILE A 82 -7.37 -12.53 -9.06
CA ILE A 82 -7.90 -13.07 -7.82
C ILE A 82 -8.33 -14.52 -8.03
N HIS A 83 -7.77 -15.41 -7.22
CA HIS A 83 -8.08 -16.83 -7.21
C HIS A 83 -8.66 -17.24 -5.86
N PHE A 84 -9.36 -18.37 -5.84
CA PHE A 84 -9.84 -18.99 -4.61
C PHE A 84 -9.23 -20.38 -4.53
N ILE A 85 -8.45 -20.64 -3.50
CA ILE A 85 -7.63 -21.83 -3.42
C ILE A 85 -7.64 -22.34 -1.99
N ASP A 86 -8.02 -23.62 -1.81
CA ASP A 86 -8.02 -24.24 -0.47
C ASP A 86 -8.73 -23.37 0.55
N GLY A 87 -9.89 -22.83 0.17
CA GLY A 87 -10.65 -22.06 1.13
C GLY A 87 -10.19 -20.63 1.32
N LYS A 88 -9.20 -20.14 0.56
CA LYS A 88 -8.68 -18.79 0.79
C LYS A 88 -8.58 -18.02 -0.51
N TRP A 89 -8.79 -16.71 -0.43
CA TRP A 89 -8.55 -15.82 -1.56
C TRP A 89 -7.07 -15.53 -1.72
N TYR A 90 -6.60 -15.57 -2.96
CA TYR A 90 -5.25 -15.13 -3.30
C TYR A 90 -5.31 -14.14 -4.46
N ILE A 91 -4.44 -13.13 -4.40
CA ILE A 91 -4.23 -12.23 -5.54
C ILE A 91 -2.77 -12.33 -5.99
N TYR A 92 -2.57 -12.77 -7.23
CA TYR A 92 -1.28 -12.82 -7.90
C TYR A 92 -1.12 -11.56 -8.75
N PHE A 93 -0.05 -10.81 -8.52
CA PHE A 93 0.13 -9.57 -9.27
C PHE A 93 1.61 -9.31 -9.46
N SER A 94 1.89 -8.36 -10.34
CA SER A 94 3.26 -8.03 -10.68
C SER A 94 3.56 -6.60 -10.24
N ALA A 95 4.75 -6.38 -9.69
CA ALA A 95 5.03 -5.06 -9.13
C ALA A 95 6.52 -4.73 -9.25
N GLY A 96 6.79 -3.43 -9.45
CA GLY A 96 8.14 -2.92 -9.42
C GLY A 96 8.40 -2.17 -8.12
N THR A 97 9.55 -1.50 -8.08
CA THR A 97 9.99 -0.82 -6.87
C THR A 97 9.84 0.67 -7.02
N SER A 98 9.92 1.37 -5.89
CA SER A 98 9.86 2.83 -5.95
C SER A 98 11.07 3.39 -6.69
N THR A 99 12.24 2.77 -6.58
CA THR A 99 13.38 3.35 -7.27
C THR A 99 13.45 2.91 -8.72
N ASN A 100 12.82 1.78 -9.06
CA ASN A 100 12.69 1.35 -10.45
C ASN A 100 11.27 0.79 -10.63
N TYR A 101 10.36 1.67 -11.05
CA TYR A 101 8.98 1.27 -11.31
C TYR A 101 8.88 0.07 -12.24
N PHE A 102 9.90 -0.21 -13.03
CA PHE A 102 9.84 -1.25 -14.04
C PHE A 102 10.61 -2.50 -13.63
N ASP A 103 11.11 -2.53 -12.40
CA ASP A 103 11.84 -3.68 -11.85
C ASP A 103 10.81 -4.67 -11.30
N ILE A 104 10.17 -5.40 -12.20
CA ILE A 104 8.91 -6.07 -11.92
C ILE A 104 9.20 -7.46 -11.40
N ARG A 105 8.63 -7.80 -10.24
CA ARG A 105 8.59 -9.19 -9.78
C ARG A 105 7.15 -9.59 -9.45
N LEU A 106 6.96 -10.88 -9.20
CA LEU A 106 5.66 -11.42 -8.77
C LEU A 106 5.46 -11.24 -7.28
N TYR A 107 4.22 -10.96 -6.88
CA TYR A 107 3.85 -10.87 -5.46
C TYR A 107 2.49 -11.51 -5.24
N VAL A 108 2.21 -11.83 -3.98
CA VAL A 108 0.98 -12.51 -3.62
C VAL A 108 0.36 -11.80 -2.42
N LEU A 109 -0.96 -11.63 -2.48
CA LEU A 109 -1.80 -11.22 -1.36
C LEU A 109 -2.71 -12.38 -0.98
N GLU A 110 -3.19 -12.33 0.26
CA GLU A 110 -4.08 -13.38 0.75
C GLU A 110 -5.09 -12.77 1.70
N CYS A 111 -6.31 -13.29 1.64
CA CYS A 111 -7.43 -12.86 2.47
C CYS A 111 -8.17 -14.12 2.88
N SER A 112 -8.39 -14.28 4.19
CA SER A 112 -9.14 -15.43 4.70
C SER A 112 -10.62 -15.17 4.90
N ASP A 113 -11.08 -13.92 4.81
CA ASP A 113 -12.50 -13.65 5.01
C ASP A 113 -13.30 -14.06 3.77
N SER A 114 -14.58 -14.35 3.96
CA SER A 114 -15.34 -14.90 2.84
C SER A 114 -15.64 -13.83 1.80
N ASN A 115 -15.94 -12.60 2.23
CA ASN A 115 -16.14 -11.48 1.30
C ASN A 115 -14.81 -10.79 1.03
N PRO A 116 -14.22 -10.96 -0.16
CA PRO A 116 -12.90 -10.35 -0.41
C PRO A 116 -12.94 -8.86 -0.67
N LEU A 117 -14.12 -8.27 -0.88
CA LEU A 117 -14.19 -6.82 -1.01
C LEU A 117 -13.94 -6.14 0.34
N THR A 118 -14.69 -6.56 1.36
CA THR A 118 -14.61 -6.03 2.70
C THR A 118 -13.51 -6.70 3.53
N GLY A 119 -12.95 -7.79 3.07
CA GLY A 119 -12.09 -8.57 3.92
C GLY A 119 -10.74 -7.91 4.15
N THR A 120 -9.97 -8.56 5.02
CA THR A 120 -8.64 -8.08 5.38
C THR A 120 -7.60 -8.75 4.50
N TRP A 121 -6.83 -7.94 3.77
CA TRP A 121 -5.81 -8.43 2.87
C TRP A 121 -4.42 -8.35 3.51
N VAL A 122 -3.61 -9.36 3.25
CA VAL A 122 -2.30 -9.51 3.87
C VAL A 122 -1.28 -9.80 2.79
N GLU A 123 -0.13 -9.13 2.84
CA GLU A 123 0.90 -9.40 1.86
C GLU A 123 1.63 -10.68 2.25
N LYS A 124 2.04 -11.42 1.25
CA LYS A 124 2.75 -12.66 1.47
C LYS A 124 4.13 -12.61 0.85
N GLY A 125 4.50 -11.50 0.24
CA GLY A 125 5.84 -11.31 -0.28
C GLY A 125 5.96 -11.77 -1.71
N GLN A 126 7.20 -11.78 -2.17
CA GLN A 126 7.49 -12.11 -3.55
C GLN A 126 7.34 -13.61 -3.79
N LEU A 127 6.89 -13.94 -5.00
CA LEU A 127 6.82 -15.32 -5.45
C LEU A 127 8.01 -15.53 -6.37
N LYS A 128 9.09 -16.04 -5.81
CA LYS A 128 10.36 -16.13 -6.52
C LYS A 128 10.35 -17.26 -7.54
N THR A 129 11.13 -17.08 -8.61
CA THR A 129 11.34 -18.19 -9.52
C THR A 129 12.82 -18.59 -9.51
N ASN A 130 13.26 -19.34 -10.52
CA ASN A 130 14.63 -19.86 -10.56
C ASN A 130 15.67 -18.75 -10.54
N TRP A 131 15.33 -17.57 -11.05
CA TRP A 131 16.27 -16.47 -11.11
C TRP A 131 15.52 -15.14 -11.09
N GLU A 132 16.22 -14.10 -10.64
CA GLU A 132 15.65 -12.76 -10.52
C GLU A 132 15.78 -12.04 -11.86
N SER A 133 14.64 -11.58 -12.40
CA SER A 133 14.61 -10.76 -13.60
C SER A 133 13.18 -10.27 -13.78
N PHE A 134 12.97 -9.54 -14.86
CA PHE A 134 11.66 -9.05 -15.27
C PHE A 134 10.65 -10.21 -15.23
N THR A 135 9.74 -10.18 -14.26
CA THR A 135 8.82 -11.29 -14.04
C THR A 135 7.42 -10.77 -13.76
N LEU A 136 6.42 -11.34 -14.46
CA LEU A 136 5.09 -10.76 -14.47
C LEU A 136 4.05 -11.78 -14.96
N ASP A 137 2.77 -11.42 -14.74
CA ASP A 137 1.64 -12.11 -15.37
C ASP A 137 1.51 -13.58 -14.96
N ALA A 138 1.78 -13.88 -13.69
CA ALA A 138 1.60 -15.23 -13.17
C ALA A 138 0.12 -15.60 -13.09
N THR A 139 -0.24 -16.75 -13.65
CA THR A 139 -1.51 -17.36 -13.36
C THR A 139 -1.27 -18.77 -12.82
N THR A 140 -2.30 -19.34 -12.18
CA THR A 140 -2.17 -20.68 -11.62
C THR A 140 -3.39 -21.52 -11.99
N PHE A 141 -3.15 -22.81 -12.23
CA PHE A 141 -4.23 -23.75 -12.46
C PHE A 141 -3.86 -25.10 -11.86
N GLU A 142 -4.86 -25.94 -11.72
CA GLU A 142 -4.69 -27.26 -11.12
C GLU A 142 -5.11 -28.33 -12.11
N HIS A 143 -4.42 -29.47 -12.06
CA HIS A 143 -4.76 -30.58 -12.92
C HIS A 143 -4.28 -31.91 -12.35
N ASN A 144 -5.21 -32.86 -12.24
CA ASN A 144 -4.90 -34.20 -11.75
C ASN A 144 -4.20 -34.11 -10.40
N GLY A 145 -4.68 -33.20 -9.56
CA GLY A 145 -4.17 -33.09 -8.21
C GLY A 145 -2.87 -32.36 -8.07
N THR A 146 -2.36 -31.75 -9.14
CA THR A 146 -1.13 -30.98 -9.09
C THR A 146 -1.41 -29.55 -9.52
N ARG A 147 -0.97 -28.59 -8.71
CA ARG A 147 -1.10 -27.18 -9.05
C ARG A 147 0.14 -26.71 -9.79
N TYR A 148 -0.06 -25.82 -10.77
CA TYR A 148 1.01 -25.26 -11.57
C TYR A 148 0.96 -23.73 -11.55
N LEU A 149 2.11 -23.11 -11.85
CA LEU A 149 2.20 -21.68 -12.12
C LEU A 149 2.62 -21.51 -13.57
N VAL A 150 1.94 -20.61 -14.27
CA VAL A 150 2.29 -20.22 -15.64
C VAL A 150 2.47 -18.70 -15.63
N TRP A 151 3.59 -18.24 -16.20
CA TRP A 151 3.92 -16.83 -16.08
C TRP A 151 4.87 -16.43 -17.21
N ALA A 152 5.25 -15.16 -17.19
CA ALA A 152 6.14 -14.58 -18.20
C ALA A 152 7.37 -14.02 -17.51
N GLN A 153 8.54 -14.27 -18.08
CA GLN A 153 9.79 -13.84 -17.46
C GLN A 153 10.89 -13.61 -18.49
N LYS A 154 11.71 -12.61 -18.23
CA LYS A 154 12.88 -12.28 -19.04
C LYS A 154 14.02 -13.25 -18.78
N ASP A 155 14.47 -13.95 -19.83
CA ASP A 155 15.71 -14.71 -19.76
C ASP A 155 16.82 -13.88 -20.37
N PRO A 156 17.84 -13.47 -19.60
CA PRO A 156 18.89 -12.62 -20.18
C PRO A 156 19.60 -13.26 -21.35
N LYS A 157 19.63 -14.58 -21.44
CA LYS A 157 20.25 -15.24 -22.59
C LYS A 157 19.38 -15.20 -23.85
N ILE A 158 18.15 -14.67 -23.77
CA ILE A 158 17.25 -14.65 -24.91
C ILE A 158 16.85 -13.21 -25.18
N ALA A 159 16.85 -12.84 -26.46
CA ALA A 159 16.48 -11.49 -26.89
C ALA A 159 14.97 -11.48 -27.08
N SER A 160 14.27 -11.34 -25.96
CA SER A 160 12.84 -11.13 -25.94
C SER A 160 12.57 -10.51 -24.60
N ASN A 161 11.53 -9.66 -24.55
CA ASN A 161 11.14 -9.05 -23.30
C ASN A 161 10.74 -10.11 -22.28
N SER A 162 10.10 -11.19 -22.73
CA SER A 162 9.69 -12.23 -21.80
C SER A 162 9.28 -13.49 -22.56
N ASN A 163 9.32 -14.61 -21.87
CA ASN A 163 8.88 -15.88 -22.41
C ASN A 163 7.90 -16.52 -21.45
N ILE A 164 7.16 -17.49 -21.95
CA ILE A 164 6.16 -18.18 -21.13
C ILE A 164 6.82 -19.39 -20.48
N TYR A 165 6.67 -19.48 -19.15
CA TYR A 165 7.23 -20.56 -18.35
C TYR A 165 6.13 -21.28 -17.58
N ILE A 166 6.37 -22.56 -17.29
CA ILE A 166 5.51 -23.35 -16.41
C ILE A 166 6.37 -24.02 -15.33
N ALA A 167 5.76 -24.29 -14.18
CA ALA A 167 6.41 -25.05 -13.11
C ALA A 167 5.35 -25.64 -12.19
N LYS A 168 5.72 -26.73 -11.52
CA LYS A 168 4.91 -27.21 -10.41
C LYS A 168 5.02 -26.25 -9.25
N MET A 169 3.97 -26.19 -8.44
CA MET A 169 3.92 -25.37 -7.25
C MET A 169 3.92 -26.25 -6.00
N ASN A 170 4.39 -25.68 -4.91
CA ASN A 170 4.38 -26.32 -3.60
C ASN A 170 3.58 -25.38 -2.69
N GLY A 171 2.27 -25.52 -2.72
CA GLY A 171 1.39 -24.57 -2.06
C GLY A 171 1.18 -23.38 -2.96
N PRO A 172 0.18 -22.54 -2.67
CA PRO A 172 -0.12 -21.44 -3.59
C PRO A 172 0.94 -20.33 -3.60
N LEU A 173 1.99 -20.43 -2.76
CA LEU A 173 2.94 -19.34 -2.54
C LEU A 173 4.34 -19.64 -3.03
N ALA A 174 4.56 -20.77 -3.67
CA ALA A 174 5.91 -21.08 -4.07
C ALA A 174 5.86 -22.03 -5.23
N ILE A 175 6.91 -22.01 -6.03
CA ILE A 175 7.13 -23.03 -7.03
C ILE A 175 8.16 -24.03 -6.50
N THR A 176 8.29 -25.14 -7.21
CA THR A 176 9.30 -26.14 -6.89
C THR A 176 9.91 -26.62 -8.19
N GLY A 177 11.14 -27.10 -8.09
CA GLY A 177 11.80 -27.62 -9.25
C GLY A 177 12.23 -26.52 -10.19
N ASN A 178 12.60 -26.95 -11.39
CA ASN A 178 13.04 -26.06 -12.44
C ASN A 178 11.83 -25.56 -13.24
N GLN A 179 11.92 -24.31 -13.69
CA GLN A 179 10.89 -23.73 -14.53
C GLN A 179 11.19 -24.09 -15.98
N VAL A 180 10.13 -24.33 -16.75
CA VAL A 180 10.25 -24.85 -18.11
C VAL A 180 9.69 -23.83 -19.09
N MET A 181 10.48 -23.46 -20.08
CA MET A 181 10.04 -22.55 -21.12
C MET A 181 9.20 -23.31 -22.13
N ILE A 182 7.96 -22.88 -22.31
CA ILE A 182 7.07 -23.50 -23.29
C ILE A 182 6.71 -22.56 -24.43
N SER A 183 7.17 -21.31 -24.41
CA SER A 183 6.91 -20.41 -25.51
C SER A 183 7.89 -19.25 -25.49
N THR A 184 8.40 -18.90 -26.67
CA THR A 184 9.25 -17.75 -26.85
C THR A 184 8.95 -17.15 -28.22
N PRO A 185 9.09 -15.83 -28.39
CA PRO A 185 8.77 -15.21 -29.68
C PRO A 185 9.60 -15.80 -30.82
N GLU A 186 8.91 -16.18 -31.89
CA GLU A 186 9.62 -16.79 -33.02
C GLU A 186 8.98 -16.47 -34.37
N TYR A 187 7.68 -16.21 -34.39
CA TYR A 187 7.05 -15.71 -35.60
C TYR A 187 7.08 -14.19 -35.62
N SER A 188 6.87 -13.63 -36.82
CA SER A 188 6.96 -12.17 -36.95
C SER A 188 5.83 -11.49 -36.21
N TRP A 189 4.65 -12.14 -36.12
CA TRP A 189 3.51 -11.59 -35.42
C TRP A 189 3.69 -11.61 -33.91
N GLU A 190 4.77 -12.19 -33.42
CA GLU A 190 5.13 -12.09 -32.02
C GLU A 190 6.14 -10.98 -31.76
N LYS A 191 6.56 -10.25 -32.80
CA LYS A 191 7.70 -9.34 -32.70
C LYS A 191 7.46 -7.92 -33.22
N ILE A 192 6.25 -7.58 -33.69
CA ILE A 192 5.99 -6.21 -34.13
C ILE A 192 6.10 -5.25 -32.95
N GLY A 193 7.07 -4.32 -33.01
CA GLY A 193 7.29 -3.38 -31.91
C GLY A 193 8.38 -3.85 -30.97
N TYR A 194 8.07 -4.84 -30.15
CA TYR A 194 9.01 -5.60 -29.33
CA TYR A 194 9.10 -5.61 -29.50
C TYR A 194 8.71 -7.08 -29.51
N ALA A 195 9.70 -7.94 -29.25
CA ALA A 195 9.46 -9.38 -29.20
C ALA A 195 9.03 -9.75 -27.78
N VAL A 196 7.81 -10.29 -27.64
CA VAL A 196 7.20 -10.54 -26.33
C VAL A 196 6.24 -11.72 -26.43
N ASN A 197 6.27 -12.58 -25.40
CA ASN A 197 5.16 -13.43 -25.00
C ASN A 197 4.81 -13.09 -23.55
N GLU A 198 3.54 -12.88 -23.25
CA GLU A 198 3.12 -12.50 -21.90
C GLU A 198 1.65 -12.87 -21.72
N GLY A 199 1.07 -12.50 -20.59
CA GLY A 199 -0.33 -12.74 -20.30
C GLY A 199 -0.83 -14.16 -20.56
N PRO A 200 -0.18 -15.18 -19.99
CA PRO A 200 -0.71 -16.53 -20.17
C PRO A 200 -2.06 -16.69 -19.48
N ALA A 201 -2.96 -17.44 -20.12
CA ALA A 201 -4.28 -17.72 -19.55
C ALA A 201 -4.65 -19.15 -19.92
N VAL A 202 -5.27 -19.87 -18.98
CA VAL A 202 -5.42 -21.31 -19.04
C VAL A 202 -6.89 -21.69 -19.23
N LEU A 203 -7.17 -22.52 -20.24
CA LEU A 203 -8.50 -23.05 -20.50
C LEU A 203 -8.41 -24.56 -20.68
N LYS A 204 -9.18 -25.31 -19.89
CA LYS A 204 -9.14 -26.76 -19.85
C LYS A 204 -10.43 -27.32 -20.43
N LYS A 205 -10.32 -28.04 -21.56
CA LYS A 205 -11.49 -28.53 -22.28
C LYS A 205 -11.09 -29.61 -23.28
N ASN A 206 -12.02 -30.55 -23.51
CA ASN A 206 -11.90 -31.52 -24.61
C ASN A 206 -10.61 -32.32 -24.51
N GLY A 207 -10.30 -32.78 -23.30
CA GLY A 207 -9.11 -33.54 -23.02
C GLY A 207 -7.81 -32.83 -23.30
N LYS A 208 -7.81 -31.51 -23.38
CA LYS A 208 -6.58 -30.74 -23.63
C LYS A 208 -6.50 -29.56 -22.68
N ILE A 209 -5.28 -29.05 -22.51
CA ILE A 209 -5.01 -27.82 -21.75
C ILE A 209 -4.58 -26.77 -22.75
N PHE A 210 -5.37 -25.70 -22.86
CA PHE A 210 -5.09 -24.58 -23.74
C PHE A 210 -4.53 -23.41 -22.93
N ILE A 211 -3.46 -22.79 -23.45
CA ILE A 211 -2.86 -21.61 -22.84
C ILE A 211 -2.72 -20.55 -23.93
N THR A 212 -3.60 -19.55 -23.91
CA THR A 212 -3.40 -18.40 -24.77
C THR A 212 -2.40 -17.44 -24.14
N PHE A 213 -1.76 -16.66 -25.00
CA PHE A 213 -0.77 -15.67 -24.59
C PHE A 213 -0.85 -14.51 -25.55
N SER A 214 -0.30 -13.38 -25.14
CA SER A 214 -0.30 -12.16 -25.94
C SER A 214 1.11 -11.88 -26.42
N ALA A 215 1.22 -11.25 -27.60
CA ALA A 215 2.52 -10.96 -28.22
C ALA A 215 2.49 -9.61 -28.94
N SER A 216 3.70 -9.11 -29.26
CA SER A 216 3.96 -7.82 -29.89
C SER A 216 3.60 -6.68 -28.95
N ALA A 217 3.83 -5.43 -29.37
CA ALA A 217 3.71 -4.29 -28.47
C ALA A 217 2.26 -4.02 -28.09
N THR A 218 2.08 -3.21 -27.04
CA THR A 218 0.76 -2.98 -26.46
C THR A 218 -0.04 -1.92 -27.21
N ASP A 219 0.17 -1.79 -28.53
CA ASP A 219 -0.56 -0.88 -29.39
C ASP A 219 -1.51 -1.70 -30.25
N ALA A 220 -1.86 -1.20 -31.44
CA ALA A 220 -2.81 -1.93 -32.25
C ALA A 220 -2.24 -3.25 -32.73
N ASN A 221 -0.93 -3.46 -32.59
CA ASN A 221 -0.31 -4.68 -33.05
C ASN A 221 -0.47 -5.84 -32.08
N TYR A 222 -0.73 -5.56 -30.80
CA TYR A 222 -1.08 -6.58 -29.82
C TYR A 222 -2.04 -7.60 -30.42
N CYS A 223 -1.73 -8.87 -30.19
CA CYS A 223 -2.56 -9.99 -30.64
C CYS A 223 -2.28 -11.18 -29.73
N MET A 224 -2.85 -12.31 -30.07
CA MET A 224 -2.84 -13.48 -29.20
C MET A 224 -2.42 -14.70 -29.99
N GLY A 225 -1.62 -15.57 -29.36
CA GLY A 225 -1.32 -16.89 -29.88
C GLY A 225 -1.82 -17.98 -28.94
N LEU A 226 -1.71 -19.24 -29.39
CA LEU A 226 -2.22 -20.38 -28.65
C LEU A 226 -1.18 -21.49 -28.48
N LEU A 227 -1.09 -22.03 -27.27
CA LEU A 227 -0.33 -23.23 -26.97
C LEU A 227 -1.29 -24.32 -26.57
N THR A 228 -1.05 -25.55 -27.05
CA THR A 228 -1.92 -26.67 -26.71
C THR A 228 -1.11 -27.88 -26.26
N ALA A 229 -1.65 -28.59 -25.27
CA ALA A 229 -1.09 -29.84 -24.81
C ALA A 229 -2.21 -30.78 -24.41
N SER A 230 -1.99 -32.08 -24.58
CA SER A 230 -2.93 -33.06 -24.06
C SER A 230 -2.86 -33.13 -22.54
N ASP A 231 -4.02 -33.21 -21.90
CA ASP A 231 -4.06 -33.16 -20.44
C ASP A 231 -3.64 -34.47 -19.78
N THR A 232 -3.11 -35.40 -20.55
CA THR A 232 -2.44 -36.58 -20.04
C THR A 232 -0.94 -36.57 -20.32
N ALA A 233 -0.42 -35.51 -20.92
CA ALA A 233 1.01 -35.42 -21.18
C ALA A 233 1.74 -34.85 -19.97
N ASN A 234 3.06 -34.87 -20.05
CA ASN A 234 3.89 -34.26 -19.01
C ASN A 234 3.94 -32.77 -19.32
N LEU A 235 3.21 -31.99 -18.53
CA LEU A 235 3.13 -30.56 -18.78
C LEU A 235 4.45 -29.85 -18.51
N LEU A 236 5.43 -30.51 -17.88
CA LEU A 236 6.75 -29.91 -17.74
C LEU A 236 7.66 -30.26 -18.91
N ASP A 237 7.16 -31.02 -19.87
CA ASP A 237 7.94 -31.36 -21.07
C ASP A 237 7.63 -30.35 -22.17
N PRO A 238 8.60 -29.54 -22.59
CA PRO A 238 8.33 -28.54 -23.65
C PRO A 238 7.78 -29.14 -24.92
N LYS A 239 8.16 -30.38 -25.27
CA LYS A 239 7.56 -31.05 -26.42
C LYS A 239 6.12 -31.46 -26.17
N SER A 240 5.58 -31.30 -24.95
CA SER A 240 4.15 -31.52 -24.78
C SER A 240 3.31 -30.39 -25.41
N TRP A 241 3.91 -29.20 -25.61
CA TRP A 241 3.21 -27.98 -25.99
C TRP A 241 3.45 -27.66 -27.46
N HIS A 242 2.36 -27.62 -28.23
CA HIS A 242 2.39 -27.19 -29.62
C HIS A 242 1.88 -25.74 -29.74
N LYS A 243 2.69 -24.88 -30.36
CA LYS A 243 2.29 -23.49 -30.61
C LYS A 243 1.64 -23.37 -31.98
N SER A 244 0.43 -22.83 -32.01
CA SER A 244 -0.20 -22.53 -33.27
C SER A 244 0.66 -21.55 -34.06
N PRO A 245 0.84 -21.77 -35.37
CA PRO A 245 1.78 -20.94 -36.12
C PRO A 245 1.27 -19.52 -36.36
N ASN A 246 -0.03 -19.30 -36.37
CA ASN A 246 -0.60 -17.98 -36.65
C ASN A 246 -1.28 -17.37 -35.43
N PRO A 247 -1.44 -16.05 -35.40
CA PRO A 247 -2.25 -15.43 -34.36
C PRO A 247 -3.62 -16.09 -34.29
N VAL A 248 -4.13 -16.28 -33.07
CA VAL A 248 -5.47 -16.82 -32.89
C VAL A 248 -6.49 -15.72 -32.63
N PHE A 249 -6.04 -14.48 -32.48
CA PHE A 249 -6.94 -13.35 -32.23
C PHE A 249 -6.16 -12.09 -32.54
N GLN A 250 -6.76 -11.17 -33.32
CA GLN A 250 -6.02 -9.97 -33.69
C GLN A 250 -6.97 -8.80 -33.98
N SER A 251 -6.38 -7.62 -34.19
CA SER A 251 -7.12 -6.46 -34.62
C SER A 251 -8.05 -6.79 -35.78
N ASN A 252 -9.22 -6.17 -35.76
CA ASN A 252 -10.16 -6.27 -36.88
C ASN A 252 -10.65 -4.87 -37.24
N PRO A 253 -10.18 -4.28 -38.34
CA PRO A 253 -10.61 -2.91 -38.68
C PRO A 253 -12.09 -2.77 -38.98
N SER A 254 -12.75 -3.82 -39.45
CA SER A 254 -14.16 -3.70 -39.80
C SER A 254 -15.06 -3.72 -38.58
N THR A 255 -14.64 -4.34 -37.47
CA THR A 255 -15.39 -4.17 -36.24
C THR A 255 -14.82 -3.06 -35.37
N GLY A 256 -13.72 -2.41 -35.78
CA GLY A 256 -13.24 -1.26 -35.05
C GLY A 256 -12.54 -1.53 -33.72
N GLN A 257 -11.95 -2.72 -33.57
CA GLN A 257 -11.30 -3.14 -32.33
C GLN A 257 -9.84 -3.42 -32.61
N TYR A 258 -8.96 -2.80 -31.82
CA TYR A 258 -7.54 -2.73 -32.12
C TYR A 258 -6.70 -3.18 -30.93
N GLY A 259 -5.70 -4.02 -31.22
CA GLY A 259 -4.78 -4.54 -30.23
C GLY A 259 -5.44 -5.31 -29.10
N PRO A 260 -6.24 -6.33 -29.45
CA PRO A 260 -6.90 -7.11 -28.40
C PRO A 260 -5.93 -8.11 -27.77
N GLY A 261 -6.06 -8.30 -26.46
CA GLY A 261 -5.29 -9.34 -25.81
C GLY A 261 -5.36 -9.26 -24.30
N HIS A 262 -4.37 -9.94 -23.69
CA HIS A 262 -4.27 -10.19 -22.27
C HIS A 262 -5.61 -10.63 -21.67
N ASN A 263 -6.12 -11.75 -22.20
CA ASN A 263 -7.43 -12.27 -21.84
C ASN A 263 -7.40 -13.13 -20.58
N SER A 264 -8.61 -13.43 -20.08
CA SER A 264 -8.84 -14.48 -19.13
C SER A 264 -10.09 -15.23 -19.59
N PHE A 265 -10.37 -16.36 -18.95
CA PHE A 265 -11.50 -17.21 -19.32
C PHE A 265 -12.42 -17.41 -18.14
N THR A 266 -13.72 -17.34 -18.41
CA THR A 266 -14.73 -17.66 -17.39
C THR A 266 -15.86 -18.41 -18.10
N THR A 267 -16.95 -18.66 -17.36
CA THR A 267 -18.07 -19.44 -17.87
C THR A 267 -19.37 -18.71 -17.61
N SER A 268 -20.42 -19.15 -18.32
CA SER A 268 -21.77 -18.81 -17.94
C SER A 268 -22.06 -19.37 -16.55
N PRO A 269 -23.08 -18.84 -15.87
CA PRO A 269 -23.37 -19.31 -14.50
C PRO A 269 -23.56 -20.80 -14.37
N ASP A 270 -24.18 -21.45 -15.37
CA ASP A 270 -24.39 -22.90 -15.36
C ASP A 270 -23.16 -23.67 -15.81
N GLY A 271 -22.08 -22.99 -16.15
CA GLY A 271 -20.85 -23.68 -16.48
C GLY A 271 -20.77 -24.26 -17.87
N LYS A 272 -21.75 -23.98 -18.74
CA LYS A 272 -21.81 -24.73 -19.99
C LYS A 272 -21.09 -24.05 -21.16
N VAL A 273 -20.96 -22.73 -21.20
CA VAL A 273 -20.16 -22.14 -22.27
C VAL A 273 -18.97 -21.41 -21.67
N ASP A 274 -17.88 -21.40 -22.43
CA ASP A 274 -16.69 -20.66 -22.06
C ASP A 274 -16.69 -19.28 -22.69
N ILE A 275 -16.32 -18.28 -21.88
CA ILE A 275 -16.36 -16.86 -22.24
C ILE A 275 -14.96 -16.29 -22.07
N MET A 276 -14.47 -15.64 -23.11
CA MET A 276 -13.19 -14.95 -23.04
C MET A 276 -13.42 -13.48 -22.70
N VAL A 277 -12.70 -13.00 -21.68
CA VAL A 277 -12.71 -11.61 -21.25
C VAL A 277 -11.34 -11.04 -21.55
N TYR A 278 -11.28 -9.92 -22.26
CA TYR A 278 -10.01 -9.39 -22.74
C TYR A 278 -10.19 -7.88 -22.94
N HIS A 279 -9.10 -7.23 -23.33
CA HIS A 279 -9.14 -5.80 -23.58
C HIS A 279 -8.81 -5.49 -25.03
N ALA A 280 -9.28 -4.33 -25.48
CA ALA A 280 -8.97 -3.77 -26.79
C ALA A 280 -9.34 -2.29 -26.78
N ARG A 281 -8.77 -1.54 -27.73
CA ARG A 281 -9.13 -0.15 -27.99
C ARG A 281 -10.08 -0.07 -29.17
N ASN A 282 -10.91 0.98 -29.23
CA ASN A 282 -11.80 1.16 -30.38
C ASN A 282 -11.21 2.14 -31.42
N TYR A 283 -9.92 2.46 -31.33
CA TYR A 283 -9.22 3.23 -32.36
C TYR A 283 -7.80 2.69 -32.54
N ARG A 284 -7.20 3.08 -33.64
CA ARG A 284 -5.93 2.53 -34.10
C ARG A 284 -4.74 3.36 -33.67
N ASP A 285 -4.76 4.66 -33.95
CA ASP A 285 -3.58 5.49 -33.76
C ASP A 285 -3.52 6.04 -32.33
N ILE A 286 -2.32 6.03 -31.77
CA ILE A 286 -2.09 6.38 -30.38
C ILE A 286 -1.14 7.56 -30.29
N THR A 287 -1.40 8.44 -29.34
CA THR A 287 -0.65 9.67 -29.12
C THR A 287 0.19 9.55 -27.83
N GLY A 288 1.52 9.77 -27.94
CA GLY A 288 2.43 9.56 -26.80
C GLY A 288 2.89 8.12 -26.72
N ASP A 289 3.35 7.66 -25.49
CA ASP A 289 3.74 6.24 -25.36
C ASP A 289 2.50 5.38 -25.11
N PRO A 290 2.34 4.30 -25.87
CA PRO A 290 1.17 3.43 -25.71
C PRO A 290 0.96 2.96 -24.27
N LEU A 291 2.03 3.03 -23.46
CA LEU A 291 1.96 2.57 -22.08
C LEU A 291 1.06 3.43 -21.21
N TYR A 292 0.83 4.68 -21.61
CA TYR A 292 -0.01 5.59 -20.85
C TYR A 292 -1.25 6.03 -21.63
N ASP A 293 -1.49 5.48 -22.81
CA ASP A 293 -2.83 5.58 -23.37
C ASP A 293 -3.75 4.72 -22.51
N PRO A 294 -4.76 5.29 -21.85
CA PRO A 294 -5.54 4.51 -20.88
C PRO A 294 -6.77 3.83 -21.46
N ASN A 295 -6.91 3.72 -22.77
CA ASN A 295 -8.22 3.38 -23.29
C ASN A 295 -8.34 1.93 -23.75
N ARG A 296 -7.51 1.03 -23.24
CA ARG A 296 -7.82 -0.39 -23.41
C ARG A 296 -9.04 -0.71 -22.54
N HIS A 297 -10.11 -1.19 -23.17
CA HIS A 297 -11.39 -1.41 -22.51
C HIS A 297 -11.63 -2.90 -22.35
N THR A 298 -12.24 -3.26 -21.24
CA THR A 298 -12.57 -4.65 -20.98
C THR A 298 -13.85 -5.04 -21.72
N ARG A 299 -13.81 -6.21 -22.37
CA ARG A 299 -14.96 -6.70 -23.13
C ARG A 299 -14.94 -8.22 -23.13
N ALA A 300 -16.08 -8.80 -23.52
CA ALA A 300 -16.22 -10.25 -23.51
C ALA A 300 -16.93 -10.71 -24.78
N GLN A 301 -16.65 -11.94 -25.17
CA GLN A 301 -17.41 -12.63 -26.22
C GLN A 301 -17.24 -14.13 -26.02
N ILE A 302 -18.11 -14.92 -26.66
CA ILE A 302 -18.08 -16.36 -26.45
C ILE A 302 -16.80 -16.96 -27.03
N VAL A 303 -16.39 -18.09 -26.48
CA VAL A 303 -15.40 -18.97 -27.11
C VAL A 303 -16.15 -20.05 -27.87
N ASN A 304 -15.94 -20.09 -29.19
CA ASN A 304 -16.54 -21.12 -30.01
C ASN A 304 -15.58 -22.30 -30.14
N TRP A 305 -16.11 -23.40 -30.65
CA TRP A 305 -15.39 -24.66 -30.75
C TRP A 305 -15.49 -25.18 -32.17
N ASN A 306 -14.34 -25.42 -32.81
CA ASN A 306 -14.33 -26.05 -34.13
C ASN A 306 -14.92 -27.45 -34.03
N ALA A 307 -15.23 -28.03 -35.19
CA ALA A 307 -15.79 -29.38 -35.20
C ALA A 307 -14.83 -30.39 -34.57
N ASP A 308 -13.51 -30.13 -34.64
CA ASP A 308 -12.47 -31.00 -34.13
C ASP A 308 -12.10 -30.77 -32.65
N GLY A 309 -12.67 -29.75 -31.99
CA GLY A 309 -12.43 -29.54 -30.59
C GLY A 309 -11.34 -28.54 -30.23
N THR A 310 -10.75 -27.87 -31.19
CA THR A 310 -9.86 -26.76 -30.85
C THR A 310 -10.67 -25.48 -30.70
N PRO A 311 -10.19 -24.51 -29.93
CA PRO A 311 -10.98 -23.30 -29.69
C PRO A 311 -10.99 -22.38 -30.91
N ASP A 312 -12.17 -21.78 -31.17
CA ASP A 312 -12.37 -20.80 -32.23
C ASP A 312 -12.70 -19.46 -31.59
N PHE A 313 -11.72 -18.56 -31.57
CA PHE A 313 -11.85 -17.26 -30.93
C PHE A 313 -12.44 -16.22 -31.85
N GLY A 314 -12.42 -16.46 -33.15
CA GLY A 314 -13.01 -15.56 -34.11
C GLY A 314 -12.35 -14.19 -34.09
N ILE A 315 -13.17 -13.18 -34.33
CA ILE A 315 -12.69 -11.80 -34.38
C ILE A 315 -13.32 -10.98 -33.27
N PRO A 316 -12.67 -9.93 -32.79
CA PRO A 316 -13.31 -9.07 -31.78
C PRO A 316 -14.62 -8.51 -32.30
N VAL A 317 -15.69 -8.78 -31.54
CA VAL A 317 -17.02 -8.29 -31.93
C VAL A 317 -17.04 -6.77 -31.88
N ALA A 318 -17.92 -6.17 -32.69
CA ALA A 318 -18.07 -4.74 -32.59
C ALA A 318 -18.71 -4.34 -31.26
N ASP A 319 -18.47 -3.09 -30.86
CA ASP A 319 -19.16 -2.53 -29.70
C ASP A 319 -20.67 -2.62 -29.88
N GLY A 320 -21.38 -2.48 -28.78
CA GLY A 320 -22.82 -2.69 -28.77
C GLY A 320 -23.19 -3.94 -28.00
N THR A 321 -24.44 -4.35 -28.19
CA THR A 321 -24.97 -5.52 -27.49
C THR A 321 -24.42 -6.81 -28.12
N ASN A 322 -24.18 -7.81 -27.28
CA ASN A 322 -23.75 -9.12 -27.76
C ASN A 322 -24.44 -10.19 -26.92
N VAL A 323 -25.24 -11.02 -27.57
CA VAL A 323 -25.87 -12.18 -26.92
C VAL A 323 -24.86 -13.31 -26.90
N ILE A 324 -24.29 -13.59 -25.73
CA ILE A 324 -23.29 -14.64 -25.63
C ILE A 324 -23.94 -16.01 -25.47
N TYR A 325 -24.98 -16.13 -24.66
CA TYR A 325 -25.50 -17.46 -24.32
C TYR A 325 -26.93 -17.35 -23.80
N ILE A 326 -27.83 -18.12 -24.39
CA ILE A 326 -29.16 -18.33 -23.87
C ILE A 326 -29.32 -19.84 -23.68
N PRO A 327 -29.59 -20.33 -22.49
CA PRO A 327 -29.71 -21.77 -22.28
C PRO A 327 -30.91 -22.33 -23.02
N PRO A 328 -30.72 -23.42 -23.80
CA PRO A 328 -31.72 -24.10 -24.63
C PRO A 328 -32.96 -24.56 -23.87
N ASP B 2 29.37 16.12 13.03
CA ASP B 2 28.19 15.44 13.56
C ASP B 2 26.95 15.58 12.64
N PRO B 3 26.58 16.81 12.24
CA PRO B 3 25.44 16.93 11.30
C PRO B 3 25.78 16.41 9.92
N ASP B 4 27.02 16.60 9.45
CA ASP B 4 27.43 16.02 8.19
C ASP B 4 28.42 14.85 8.34
N LYS B 5 28.85 14.52 9.57
CA LYS B 5 29.67 13.31 9.79
C LYS B 5 28.76 12.11 10.03
N ALA B 6 28.99 11.02 9.29
CA ALA B 6 28.20 9.81 9.45
C ALA B 6 28.82 8.89 10.52
N ASP B 7 28.02 7.94 10.97
CA ASP B 7 28.45 6.95 11.96
C ASP B 7 27.38 5.87 12.02
N ASP B 8 27.82 4.62 12.18
CA ASP B 8 26.89 3.50 12.30
C ASP B 8 26.47 3.21 13.75
N SER B 9 27.24 3.67 14.74
CA SER B 9 26.81 3.60 16.14
C SER B 9 25.87 4.75 16.50
N VAL B 10 25.05 4.52 17.52
CA VAL B 10 24.14 5.55 18.04
C VAL B 10 24.50 5.80 19.50
N ILE B 11 25.14 6.94 19.76
CA ILE B 11 25.52 7.35 21.10
C ILE B 11 25.08 8.79 21.31
N VAL B 12 24.31 9.06 22.38
CA VAL B 12 23.74 10.38 22.54
C VAL B 12 24.02 10.92 23.94
N THR B 13 23.96 12.24 24.05
CA THR B 13 23.99 12.94 25.34
C THR B 13 22.62 13.61 25.50
N ASN B 14 21.84 13.15 26.49
CA ASN B 14 20.54 13.69 26.79
C ASN B 14 20.64 14.83 27.80
N PRO B 15 19.91 15.93 27.59
CA PRO B 15 19.02 16.09 26.43
C PRO B 15 19.76 16.38 25.12
N ILE B 16 19.16 15.92 24.02
CA ILE B 16 19.71 16.14 22.69
C ILE B 16 19.40 17.55 22.21
N VAL B 17 18.15 17.99 22.37
CA VAL B 17 17.72 19.33 21.98
C VAL B 17 16.86 19.89 23.10
N ARG B 18 17.28 21.02 23.70
CA ARG B 18 16.52 21.68 24.75
CA ARG B 18 16.54 21.71 24.75
C ARG B 18 15.48 22.62 24.14
N ARG B 19 14.42 22.88 24.92
CA ARG B 19 13.37 23.82 24.53
C ARG B 19 12.70 23.42 23.21
N ARG B 20 12.55 22.12 22.97
CA ARG B 20 11.81 21.63 21.80
C ARG B 20 10.95 20.46 22.25
N ALA B 21 9.62 20.65 22.26
CA ALA B 21 8.67 19.62 22.64
C ALA B 21 8.12 18.91 21.40
N ASP B 22 7.50 17.75 21.63
CA ASP B 22 6.91 16.96 20.54
C ASP B 22 7.94 16.65 19.44
N PRO B 23 9.08 16.02 19.77
CA PRO B 23 10.09 15.79 18.74
C PRO B 23 9.63 14.70 17.77
N TRP B 24 9.70 15.00 16.47
CA TRP B 24 9.39 14.05 15.41
C TRP B 24 10.63 13.87 14.56
N VAL B 25 11.19 12.66 14.56
CA VAL B 25 12.45 12.39 13.88
C VAL B 25 12.22 11.31 12.82
N TYR B 26 12.60 11.63 11.59
CA TYR B 26 12.42 10.73 10.47
C TYR B 26 13.78 10.46 9.83
N ARG B 27 14.13 9.18 9.73
CA ARG B 27 15.38 8.76 9.10
C ARG B 27 15.14 8.59 7.60
N HIS B 28 15.79 9.42 6.80
CA HIS B 28 15.55 9.39 5.36
C HIS B 28 16.57 8.48 4.68
N THR B 29 16.34 8.22 3.39
CA THR B 29 17.18 7.38 2.56
C THR B 29 18.49 8.04 2.14
N ASP B 30 18.71 9.31 2.49
CA ASP B 30 19.87 10.07 2.03
C ASP B 30 20.95 10.20 3.09
N GLY B 31 20.87 9.41 4.16
CA GLY B 31 21.83 9.47 5.23
C GLY B 31 21.50 10.45 6.34
N TYR B 32 20.36 11.16 6.28
CA TYR B 32 20.03 12.20 7.25
C TYR B 32 18.81 11.84 8.10
N TYR B 33 18.89 12.18 9.38
CA TYR B 33 17.73 12.28 10.24
C TYR B 33 17.15 13.68 10.07
N TYR B 34 15.84 13.77 9.89
CA TYR B 34 15.13 15.04 9.81
C TYR B 34 14.27 15.19 11.05
N MET B 35 14.29 16.38 11.63
CA MET B 35 13.60 16.64 12.88
C MET B 35 12.69 17.84 12.74
N THR B 36 11.46 17.66 13.18
CA THR B 36 10.56 18.77 13.45
C THR B 36 10.08 18.66 14.89
N ALA B 37 9.55 19.78 15.40
CA ALA B 37 9.17 19.86 16.80
C ALA B 37 8.32 21.10 16.99
N SER B 38 7.69 21.18 18.17
CA SER B 38 6.98 22.38 18.60
C SER B 38 8.00 23.33 19.20
N VAL B 39 8.08 24.55 18.68
CA VAL B 39 8.91 25.60 19.29
C VAL B 39 8.11 26.27 20.41
N PRO B 40 8.76 26.84 21.44
CA PRO B 40 7.99 27.35 22.58
C PRO B 40 7.02 28.47 22.23
N GLU B 41 7.29 29.25 21.20
CA GLU B 41 6.35 30.30 20.80
C GLU B 41 5.10 29.74 20.10
N TYR B 42 5.11 28.45 19.73
CA TYR B 42 4.01 27.83 19.00
C TYR B 42 3.61 28.65 17.77
N ASP B 43 4.59 29.13 17.01
CA ASP B 43 4.29 30.12 15.97
C ASP B 43 4.89 29.85 14.60
N ARG B 44 5.61 28.75 14.41
CA ARG B 44 6.26 28.49 13.14
C ARG B 44 6.65 27.02 13.09
N ILE B 45 7.08 26.59 11.91
CA ILE B 45 7.55 25.23 11.72
C ILE B 45 9.03 25.27 11.39
N GLU B 46 9.85 24.75 12.29
CA GLU B 46 11.29 24.67 12.08
C GLU B 46 11.67 23.25 11.68
N LEU B 47 12.70 23.16 10.83
CA LEU B 47 13.17 21.87 10.34
C LEU B 47 14.68 21.82 10.46
N ARG B 48 15.22 20.65 10.77
CA ARG B 48 16.65 20.47 10.89
C ARG B 48 17.01 19.05 10.46
N ARG B 49 18.29 18.83 10.18
CA ARG B 49 18.71 17.50 9.78
C ARG B 49 20.13 17.23 10.23
N SER B 50 20.45 15.94 10.38
CA SER B 50 21.78 15.53 10.76
C SER B 50 21.98 14.10 10.30
N ARG B 51 23.24 13.71 10.09
CA ARG B 51 23.52 12.34 9.76
C ARG B 51 23.40 11.44 10.98
N THR B 52 23.52 11.99 12.18
CA THR B 52 23.44 11.21 13.39
C THR B 52 22.36 11.79 14.29
N LEU B 53 21.87 10.94 15.20
CA LEU B 53 20.90 11.40 16.17
C LEU B 53 21.51 12.48 17.06
N GLN B 54 22.71 12.23 17.59
CA GLN B 54 23.36 13.21 18.46
C GLN B 54 23.63 14.51 17.72
N GLY B 55 23.96 14.41 16.42
CA GLY B 55 24.21 15.58 15.59
C GLY B 55 23.04 16.56 15.51
N LEU B 56 21.83 16.11 15.80
CA LEU B 56 20.71 17.04 15.87
C LEU B 56 20.92 18.14 16.91
N SER B 57 21.77 17.90 17.92
CA SER B 57 21.99 18.89 18.98
C SER B 57 22.69 20.14 18.45
N THR B 58 23.55 20.00 17.46
CA THR B 58 24.32 21.11 16.92
C THR B 58 23.88 21.52 15.53
N ALA B 59 22.92 20.80 14.92
CA ALA B 59 22.44 21.18 13.60
C ALA B 59 21.79 22.54 13.65
N THR B 60 21.96 23.31 12.60
CA THR B 60 21.37 24.63 12.56
C THR B 60 19.92 24.50 12.10
N PRO B 61 18.95 24.82 12.93
CA PRO B 61 17.55 24.69 12.50
C PRO B 61 17.15 25.86 11.63
N LYS B 62 16.26 25.56 10.69
CA LYS B 62 15.72 26.53 9.74
C LYS B 62 14.22 26.64 9.91
N THR B 63 13.73 27.87 10.00
CA THR B 63 12.29 28.09 9.93
C THR B 63 11.88 27.99 8.47
N ILE B 64 11.04 27.03 8.14
CA ILE B 64 10.59 26.88 6.75
C ILE B 64 9.18 27.38 6.55
N TRP B 65 8.46 27.67 7.62
CA TRP B 65 7.09 28.11 7.48
C TRP B 65 6.68 28.81 8.76
N ARG B 66 5.96 29.93 8.60
CA ARG B 66 5.54 30.77 9.70
C ARG B 66 4.03 30.97 9.61
N ARG B 67 3.38 31.10 10.77
CA ARG B 67 1.94 31.20 10.79
C ARG B 67 1.46 32.44 10.06
N HIS B 68 0.27 32.35 9.48
CA HIS B 68 -0.30 33.50 8.78
C HIS B 68 -0.56 34.63 9.78
N SER B 69 -0.45 35.86 9.30
CA SER B 69 -0.74 36.99 10.18
C SER B 69 -2.19 36.99 10.61
N SER B 70 -3.10 36.60 9.71
CA SER B 70 -4.49 36.55 10.09
C SER B 70 -5.20 35.42 9.33
N GLY B 71 -6.36 35.04 9.86
CA GLY B 71 -7.17 34.01 9.26
C GLY B 71 -6.74 32.64 9.73
N ILE B 72 -6.94 31.61 8.91
CA ILE B 72 -6.58 30.25 9.29
C ILE B 72 -5.06 30.11 9.26
N MET B 73 -4.57 29.17 10.08
CA MET B 73 -3.13 28.95 10.24
C MET B 73 -2.45 30.18 10.81
N GLY B 74 -3.19 30.94 11.62
CA GLY B 74 -2.65 32.11 12.27
C GLY B 74 -2.60 32.00 13.77
N GLY B 75 -3.11 30.89 14.32
CA GLY B 75 -3.12 30.70 15.76
C GLY B 75 -1.93 29.93 16.29
N HIS B 76 -2.16 29.06 17.28
CA HIS B 76 -1.09 28.17 17.71
C HIS B 76 -0.64 27.25 16.59
N ILE B 77 0.64 26.90 16.60
CA ILE B 77 1.26 25.99 15.64
C ILE B 77 1.89 24.85 16.45
N TRP B 78 1.32 23.65 16.35
CA TRP B 78 1.66 22.55 17.25
C TRP B 78 2.13 21.31 16.49
N ALA B 79 3.20 20.72 16.99
CA ALA B 79 3.59 19.34 16.73
C ALA B 79 3.59 18.95 15.24
N PRO B 80 4.38 19.61 14.41
CA PRO B 80 4.48 19.18 13.01
C PRO B 80 5.27 17.88 12.89
N GLU B 81 4.87 17.06 11.91
CA GLU B 81 5.61 15.83 11.57
C GLU B 81 5.95 15.86 10.08
N ILE B 82 7.23 15.69 9.77
CA ILE B 82 7.68 15.65 8.38
C ILE B 82 7.75 14.19 7.93
N HIS B 83 7.03 13.88 6.86
CA HIS B 83 7.06 12.55 6.27
C HIS B 83 7.58 12.63 4.85
N PHE B 84 8.04 11.48 4.36
CA PHE B 84 8.38 11.30 2.96
C PHE B 84 7.47 10.21 2.43
N ILE B 85 6.66 10.55 1.44
CA ILE B 85 5.56 9.69 1.02
C ILE B 85 5.46 9.80 -0.49
N ASP B 86 5.56 8.64 -1.17
CA ASP B 86 5.40 8.58 -2.62
C ASP B 86 6.24 9.65 -3.32
N GLY B 87 7.49 9.78 -2.88
CA GLY B 87 8.46 10.64 -3.51
C GLY B 87 8.41 12.11 -3.12
N LYS B 88 7.54 12.52 -2.21
CA LYS B 88 7.44 13.93 -1.88
C LYS B 88 7.41 14.12 -0.36
N TRP B 89 7.92 15.25 0.09
CA TRP B 89 7.85 15.64 1.48
C TRP B 89 6.45 16.14 1.84
N TYR B 90 5.95 15.70 2.99
CA TYR B 90 4.72 16.22 3.58
C TYR B 90 4.99 16.54 5.04
N ILE B 91 4.45 17.67 5.50
CA ILE B 91 4.47 18.00 6.92
C ILE B 91 3.03 18.10 7.39
N TYR B 92 2.66 17.22 8.31
CA TYR B 92 1.34 17.23 8.93
C TYR B 92 1.44 18.03 10.22
N PHE B 93 0.60 19.06 10.35
CA PHE B 93 0.70 19.88 11.55
C PHE B 93 -0.69 20.39 11.93
N SER B 94 -0.77 20.90 13.16
CA SER B 94 -2.00 21.37 13.75
C SER B 94 -1.94 22.88 13.96
N ALA B 95 -3.02 23.59 13.63
CA ALA B 95 -2.98 25.04 13.65
C ALA B 95 -4.34 25.61 14.01
N GLY B 96 -4.33 26.77 14.68
CA GLY B 96 -5.52 27.55 14.94
C GLY B 96 -5.56 28.79 14.08
N THR B 97 -6.51 29.67 14.39
CA THR B 97 -6.72 30.89 13.64
C THR B 97 -6.23 32.11 14.43
N SER B 98 -6.08 33.23 13.72
CA SER B 98 -5.67 34.47 14.38
C SER B 98 -6.70 34.93 15.41
N THR B 99 -7.98 34.66 15.17
CA THR B 99 -9.01 35.05 16.13
C THR B 99 -9.21 34.05 17.25
N ASN B 100 -8.83 32.78 17.06
CA ASN B 100 -8.87 31.78 18.14
C ASN B 100 -7.64 30.89 17.99
N TYR B 101 -6.58 31.24 18.72
CA TYR B 101 -5.36 30.45 18.72
C TYR B 101 -5.62 28.97 19.00
N PHE B 102 -6.76 28.64 19.60
CA PHE B 102 -7.12 27.28 19.95
C PHE B 102 -8.17 26.65 19.04
N ASP B 103 -8.55 27.33 17.94
CA ASP B 103 -9.50 26.75 16.97
C ASP B 103 -8.72 25.87 15.99
N ILE B 104 -8.25 24.73 16.52
CA ILE B 104 -7.16 23.95 15.91
C ILE B 104 -7.71 22.85 15.00
N ARG B 105 -7.23 22.86 13.75
CA ARG B 105 -7.48 21.81 12.78
C ARG B 105 -6.15 21.32 12.22
N LEU B 106 -6.23 20.19 11.50
CA LEU B 106 -5.07 19.61 10.83
C LEU B 106 -4.81 20.31 9.49
N TYR B 107 -3.55 20.53 9.18
CA TYR B 107 -3.17 21.09 7.90
C TYR B 107 -1.96 20.34 7.38
N VAL B 108 -1.68 20.50 6.09
CA VAL B 108 -0.59 19.79 5.44
C VAL B 108 0.20 20.78 4.60
N LEU B 109 1.51 20.65 4.64
CA LEU B 109 2.41 21.33 3.72
C LEU B 109 3.07 20.30 2.82
N GLU B 110 3.51 20.73 1.63
CA GLU B 110 4.11 19.79 0.70
C GLU B 110 5.29 20.42 -0.02
N CYS B 111 6.33 19.62 -0.22
CA CYS B 111 7.53 20.08 -0.92
C CYS B 111 7.97 18.96 -1.85
N SER B 112 8.11 19.27 -3.14
CA SER B 112 8.52 18.29 -4.15
C SER B 112 10.02 18.25 -4.37
N ASP B 113 10.76 19.19 -3.78
CA ASP B 113 12.21 19.21 -3.91
C ASP B 113 12.83 18.12 -3.03
N SER B 114 14.04 17.70 -3.41
CA SER B 114 14.68 16.61 -2.70
C SER B 114 15.23 17.09 -1.35
N ASN B 115 15.73 18.32 -1.29
CA ASN B 115 16.16 18.91 -0.02
C ASN B 115 15.01 19.68 0.59
N PRO B 116 14.40 19.23 1.69
CA PRO B 116 13.26 19.96 2.27
C PRO B 116 13.63 21.20 3.07
N LEU B 117 14.91 21.39 3.43
CA LEU B 117 15.32 22.64 4.06
C LEU B 117 15.28 23.80 3.07
N THR B 118 15.96 23.64 1.94
CA THR B 118 16.02 24.66 0.89
C THR B 118 14.81 24.67 -0.03
N GLY B 119 13.99 23.62 0.00
CA GLY B 119 12.93 23.49 -0.99
C GLY B 119 11.78 24.46 -0.75
N THR B 120 10.89 24.48 -1.74
CA THR B 120 9.70 25.33 -1.70
C THR B 120 8.55 24.54 -1.12
N TRP B 121 7.94 25.07 -0.07
CA TRP B 121 6.82 24.42 0.59
C TRP B 121 5.52 25.09 0.15
N VAL B 122 4.50 24.26 -0.07
CA VAL B 122 3.23 24.68 -0.66
C VAL B 122 2.14 24.25 0.30
N GLU B 123 1.22 25.16 0.61
CA GLU B 123 0.15 24.79 1.52
C GLU B 123 -0.87 23.97 0.76
N LYS B 124 -1.48 23.02 1.46
CA LYS B 124 -2.51 22.18 0.85
C LYS B 124 -3.85 22.32 1.57
N GLY B 125 -3.93 23.15 2.59
CA GLY B 125 -5.20 23.40 3.24
C GLY B 125 -5.44 22.46 4.40
N GLN B 126 -6.67 22.50 4.89
CA GLN B 126 -7.05 21.66 6.02
C GLN B 126 -7.14 20.20 5.58
N LEU B 127 -6.84 19.31 6.51
CA LEU B 127 -7.05 17.88 6.33
C LEU B 127 -8.33 17.58 7.09
N LYS B 128 -9.45 17.61 6.38
CA LYS B 128 -10.73 17.51 7.05
C LYS B 128 -10.98 16.10 7.56
N THR B 129 -11.72 15.99 8.65
CA THR B 129 -12.15 14.67 9.12
C THR B 129 -13.68 14.56 9.08
N ASN B 130 -14.22 13.52 9.73
CA ASN B 130 -15.66 13.29 9.64
C ASN B 130 -16.46 14.46 10.20
N TRP B 131 -15.91 15.21 11.16
CA TRP B 131 -16.65 16.34 11.70
C TRP B 131 -15.69 17.42 12.20
N GLU B 132 -16.16 18.67 12.18
CA GLU B 132 -15.32 19.81 12.52
C GLU B 132 -15.30 20.05 14.02
N SER B 133 -14.10 20.02 14.61
CA SER B 133 -13.86 20.31 16.02
C SER B 133 -12.35 20.35 16.26
N PHE B 134 -11.97 20.55 17.52
CA PHE B 134 -10.60 20.51 18.01
C PHE B 134 -9.85 19.26 17.54
N THR B 135 -8.94 19.41 16.59
CA THR B 135 -8.29 18.26 15.98
C THR B 135 -6.80 18.53 15.82
N LEU B 136 -5.95 17.56 16.20
CA LEU B 136 -4.51 17.79 16.33
C LEU B 136 -3.77 16.46 16.37
N ASP B 137 -2.43 16.53 16.21
CA ASP B 137 -1.53 15.40 16.43
C ASP B 137 -1.78 14.25 15.43
N ALA B 138 -2.05 14.60 14.18
CA ALA B 138 -2.20 13.58 13.15
C ALA B 138 -0.85 12.95 12.80
N THR B 139 -0.78 11.62 12.83
CA THR B 139 0.32 10.89 12.21
C THR B 139 -0.24 9.93 11.17
N THR B 140 0.62 9.41 10.32
CA THR B 140 0.19 8.50 9.27
C THR B 140 1.16 7.33 9.20
N PHE B 141 0.62 6.16 8.84
CA PHE B 141 1.42 4.97 8.55
C PHE B 141 0.77 4.18 7.41
N GLU B 142 1.56 3.24 6.87
CA GLU B 142 1.21 2.34 5.77
C GLU B 142 1.41 0.89 6.22
N HIS B 143 0.54 -0.03 5.80
CA HIS B 143 0.84 -1.45 6.01
C HIS B 143 -0.11 -2.34 5.20
N ASN B 144 0.44 -3.36 4.54
CA ASN B 144 -0.36 -4.31 3.74
C ASN B 144 -1.20 -3.60 2.67
N GLY B 145 -0.64 -2.55 2.07
CA GLY B 145 -1.26 -1.84 0.95
C GLY B 145 -2.33 -0.82 1.29
N THR B 146 -2.55 -0.52 2.56
CA THR B 146 -3.48 0.52 2.97
C THR B 146 -2.75 1.55 3.82
N ARG B 147 -2.92 2.84 3.51
CA ARG B 147 -2.41 3.91 4.36
C ARG B 147 -3.49 4.39 5.31
N TYR B 148 -3.09 4.73 6.53
CA TYR B 148 -4.00 5.18 7.57
C TYR B 148 -3.59 6.55 8.12
N LEU B 149 -4.55 7.29 8.64
CA LEU B 149 -4.30 8.48 9.45
C LEU B 149 -4.69 8.12 10.88
N VAL B 150 -3.81 8.47 11.83
CA VAL B 150 -4.04 8.28 13.26
C VAL B 150 -3.90 9.66 13.90
N TRP B 151 -4.90 10.06 14.67
CA TRP B 151 -4.89 11.44 15.14
C TRP B 151 -5.75 11.57 16.40
N ALA B 152 -5.88 12.81 16.87
CA ALA B 152 -6.61 13.13 18.09
C ALA B 152 -7.68 14.17 17.79
N GLN B 153 -8.88 13.96 18.33
CA GLN B 153 -9.97 14.88 18.00
C GLN B 153 -10.98 14.94 19.15
N LYS B 154 -11.56 16.14 19.32
CA LYS B 154 -12.61 16.40 20.30
C LYS B 154 -13.95 15.90 19.76
N ASP B 155 -14.59 14.96 20.48
CA ASP B 155 -15.97 14.53 20.20
C ASP B 155 -16.89 15.30 21.13
N PRO B 156 -17.78 16.16 20.61
CA PRO B 156 -18.60 16.98 21.51
C PRO B 156 -19.44 16.13 22.43
N LYS B 157 -19.75 14.89 22.03
CA LYS B 157 -20.49 13.93 22.84
C LYS B 157 -19.65 13.29 23.93
N ILE B 158 -18.33 13.56 23.99
CA ILE B 158 -17.45 12.92 24.96
C ILE B 158 -16.73 13.98 25.78
N ALA B 159 -16.60 13.71 27.09
CA ALA B 159 -15.98 14.64 28.03
C ALA B 159 -14.48 14.36 28.09
N SER B 160 -13.78 14.91 27.11
CA SER B 160 -12.32 14.94 27.10
C SER B 160 -11.89 15.94 26.05
N ASN B 161 -10.70 16.50 26.22
CA ASN B 161 -10.17 17.41 25.21
C ASN B 161 -10.05 16.73 23.86
N SER B 162 -9.72 15.43 23.85
CA SER B 162 -9.48 14.69 22.61
C SER B 162 -9.42 13.18 22.88
N ASN B 163 -9.68 12.41 21.81
CA ASN B 163 -9.61 10.94 21.78
C ASN B 163 -8.81 10.50 20.56
N ILE B 164 -8.41 9.21 20.53
CA ILE B 164 -7.63 8.68 19.42
C ILE B 164 -8.54 8.06 18.36
N TYR B 165 -8.39 8.52 17.12
CA TYR B 165 -9.15 8.02 15.98
C TYR B 165 -8.19 7.48 14.94
N ILE B 166 -8.65 6.45 14.19
CA ILE B 166 -7.95 5.98 12.99
C ILE B 166 -8.95 5.95 11.83
N ALA B 167 -8.43 6.14 10.62
CA ALA B 167 -9.23 6.06 9.41
C ALA B 167 -8.31 5.70 8.27
N LYS B 168 -8.86 5.04 7.24
CA LYS B 168 -8.10 4.80 6.03
C LYS B 168 -7.93 6.08 5.23
N MET B 169 -6.84 6.13 4.45
CA MET B 169 -6.53 7.26 3.57
C MET B 169 -6.55 6.88 2.10
N ASN B 170 -6.87 7.88 1.28
CA ASN B 170 -6.86 7.82 -0.17
C ASN B 170 -5.86 8.87 -0.61
N GLY B 171 -4.58 8.49 -0.58
CA GLY B 171 -3.50 9.44 -0.78
C GLY B 171 -3.12 10.19 0.50
N PRO B 172 -1.95 10.83 0.49
CA PRO B 172 -1.46 11.46 1.71
C PRO B 172 -2.26 12.68 2.17
N LEU B 173 -3.29 13.10 1.42
CA LEU B 173 -4.00 14.35 1.71
C LEU B 173 -5.46 14.17 2.14
N ALA B 174 -5.96 12.95 2.28
CA ALA B 174 -7.36 12.82 2.68
C ALA B 174 -7.63 11.48 3.32
N ILE B 175 -8.67 11.45 4.15
CA ILE B 175 -9.19 10.21 4.67
C ILE B 175 -10.38 9.79 3.81
N THR B 176 -10.83 8.54 3.99
CA THR B 176 -12.02 8.00 3.33
C THR B 176 -12.77 7.15 4.35
N GLY B 177 -14.07 7.07 4.17
CA GLY B 177 -14.86 6.24 5.04
C GLY B 177 -15.05 6.90 6.40
N ASN B 178 -15.49 6.09 7.34
CA ASN B 178 -15.75 6.53 8.69
C ASN B 178 -14.48 6.55 9.51
N GLN B 179 -14.39 7.49 10.46
CA GLN B 179 -13.29 7.48 11.43
C GLN B 179 -13.76 6.69 12.65
N VAL B 180 -12.84 5.91 13.21
CA VAL B 180 -13.14 4.99 14.30
C VAL B 180 -12.34 5.43 15.52
N MET B 181 -13.02 5.54 16.65
CA MET B 181 -12.36 5.87 17.91
C MET B 181 -11.74 4.61 18.47
N ILE B 182 -10.41 4.60 18.66
CA ILE B 182 -9.74 3.41 19.19
C ILE B 182 -9.21 3.62 20.60
N SER B 183 -9.36 4.82 21.16
CA SER B 183 -8.94 5.07 22.53
C SER B 183 -9.61 6.34 23.02
N THR B 184 -10.05 6.29 24.26
CA THR B 184 -10.61 7.42 24.97
C THR B 184 -10.20 7.32 26.44
N PRO B 185 -10.06 8.46 27.13
CA PRO B 185 -9.64 8.43 28.54
C PRO B 185 -10.58 7.59 29.38
N GLU B 186 -10.02 6.67 30.14
CA GLU B 186 -10.85 5.76 30.92
C GLU B 186 -10.20 5.38 32.26
N TYR B 187 -8.87 5.42 32.33
CA TYR B 187 -8.18 5.28 33.60
C TYR B 187 -7.89 6.65 34.22
N SER B 188 -7.55 6.63 35.52
CA SER B 188 -7.31 7.90 36.23
C SER B 188 -6.05 8.58 35.73
N TRP B 189 -5.04 7.80 35.35
CA TRP B 189 -3.81 8.40 34.84
C TRP B 189 -4.00 9.05 33.49
N GLU B 190 -5.16 8.91 32.87
CA GLU B 190 -5.48 9.61 31.65
C GLU B 190 -6.24 10.91 31.87
N LYS B 191 -6.52 11.26 33.13
CA LYS B 191 -7.42 12.37 33.41
C LYS B 191 -6.85 13.38 34.41
N ILE B 192 -5.64 13.14 34.94
CA ILE B 192 -5.04 14.05 35.92
C ILE B 192 -4.84 15.42 35.27
N GLY B 193 -5.50 16.43 35.82
CA GLY B 193 -5.46 17.75 35.24
C GLY B 193 -6.65 17.99 34.33
N TYR B 194 -6.72 17.22 33.26
CA TYR B 194 -7.92 17.12 32.43
C TYR B 194 -7.82 15.82 31.64
N ALA B 195 -8.95 15.37 31.11
CA ALA B 195 -9.03 14.11 30.36
C ALA B 195 -8.58 14.31 28.91
N VAL B 196 -7.57 13.55 28.49
CA VAL B 196 -7.02 13.71 27.16
C VAL B 196 -6.33 12.42 26.74
N ASN B 197 -6.53 12.03 25.49
CA ASN B 197 -5.63 11.16 24.75
C ASN B 197 -5.15 11.97 23.55
N GLU B 198 -3.84 11.96 23.31
CA GLU B 198 -3.28 12.76 22.21
C GLU B 198 -1.93 12.17 21.82
N GLY B 199 -1.25 12.86 20.88
CA GLY B 199 0.07 12.47 20.43
C GLY B 199 0.25 11.01 20.06
N PRO B 200 -0.58 10.49 19.15
CA PRO B 200 -0.40 9.10 18.69
C PRO B 200 0.87 8.95 17.88
N ALA B 201 1.53 7.80 18.04
CA ALA B 201 2.75 7.49 17.29
C ALA B 201 2.79 5.99 17.03
N VAL B 202 3.20 5.61 15.82
CA VAL B 202 3.01 4.25 15.30
C VAL B 202 4.35 3.54 15.15
N LEU B 203 4.42 2.31 15.65
CA LEU B 203 5.59 1.46 15.49
C LEU B 203 5.13 0.10 14.98
N LYS B 204 5.64 -0.32 13.82
CA LYS B 204 5.15 -1.50 13.14
C LYS B 204 6.20 -2.57 13.27
N LYS B 205 5.90 -3.63 14.02
CA LYS B 205 6.93 -4.63 14.24
C LYS B 205 6.32 -5.91 14.78
N ASN B 206 6.96 -7.04 14.45
CA ASN B 206 6.66 -8.33 15.06
C ASN B 206 5.19 -8.69 14.90
N GLY B 207 4.72 -8.55 13.67
CA GLY B 207 3.35 -8.85 13.28
C GLY B 207 2.29 -8.01 13.95
N LYS B 208 2.65 -6.85 14.49
CA LYS B 208 1.68 -6.03 15.20
C LYS B 208 1.86 -4.56 14.82
N ILE B 209 0.80 -3.79 15.10
CA ILE B 209 0.80 -2.34 15.00
C ILE B 209 0.71 -1.81 16.42
N PHE B 210 1.75 -1.10 16.87
CA PHE B 210 1.75 -0.50 18.20
C PHE B 210 1.49 1.00 18.06
N ILE B 211 0.57 1.53 18.84
CA ILE B 211 0.31 2.96 18.82
C ILE B 211 0.43 3.46 20.26
N THR B 212 1.51 4.19 20.55
CA THR B 212 1.58 4.86 21.84
C THR B 212 0.81 6.16 21.75
N PHE B 213 0.34 6.63 22.90
CA PHE B 213 -0.37 7.89 23.00
C PHE B 213 -0.04 8.49 24.36
N SER B 214 -0.26 9.80 24.47
CA SER B 214 -0.02 10.54 25.70
C SER B 214 -1.34 10.98 26.31
N ALA B 215 -1.34 11.05 27.64
CA ALA B 215 -2.53 11.38 28.42
C ALA B 215 -2.17 12.30 29.60
N SER B 216 -3.21 12.93 30.15
CA SER B 216 -3.17 13.91 31.25
C SER B 216 -2.49 15.19 30.83
N ALA B 217 -2.48 16.19 31.72
CA ALA B 217 -2.05 17.52 31.33
C ALA B 217 -0.54 17.54 31.06
N THR B 218 -0.10 18.64 30.44
CA THR B 218 1.26 18.78 29.95
C THR B 218 2.27 19.13 31.05
N ASP B 219 2.05 18.63 32.27
CA ASP B 219 2.95 18.84 33.39
C ASP B 219 3.62 17.51 33.77
N ALA B 220 4.01 17.38 35.04
CA ALA B 220 4.74 16.17 35.46
C ALA B 220 3.88 14.92 35.40
N ASN B 221 2.57 15.07 35.25
CA ASN B 221 1.69 13.91 35.21
C ASN B 221 1.62 13.29 33.82
N TYR B 222 1.96 14.06 32.79
CA TYR B 222 2.09 13.56 31.43
C TYR B 222 2.72 12.17 31.43
N CYS B 223 2.11 11.25 30.69
CA CYS B 223 2.60 9.89 30.60
C CYS B 223 2.08 9.28 29.29
N MET B 224 2.36 7.99 29.10
CA MET B 224 2.09 7.31 27.84
C MET B 224 1.43 5.96 28.05
N GLY B 225 0.45 5.65 27.20
CA GLY B 225 -0.14 4.33 27.15
C GLY B 225 0.14 3.68 25.80
N LEU B 226 -0.27 2.41 25.70
CA LEU B 226 -0.01 1.58 24.52
C LEU B 226 -1.31 0.96 24.03
N LEU B 227 -1.53 1.05 22.71
CA LEU B 227 -2.55 0.30 22.01
C LEU B 227 -1.87 -0.72 21.11
N THR B 228 -2.40 -1.95 21.07
CA THR B 228 -1.80 -3.02 20.26
C THR B 228 -2.87 -3.71 19.42
N ALA B 229 -2.49 -4.04 18.17
CA ALA B 229 -3.36 -4.80 17.28
C ALA B 229 -2.51 -5.73 16.45
N SER B 230 -3.11 -6.86 16.08
CA SER B 230 -2.45 -7.75 15.14
C SER B 230 -2.49 -7.12 13.75
N ASP B 231 -1.35 -7.18 13.04
CA ASP B 231 -1.32 -6.52 11.74
C ASP B 231 -1.97 -7.36 10.66
N THR B 232 -2.66 -8.45 11.05
CA THR B 232 -3.57 -9.16 10.16
C THR B 232 -5.02 -8.99 10.58
N ALA B 233 -5.29 -8.15 11.59
CA ALA B 233 -6.66 -7.87 11.96
C ALA B 233 -7.21 -6.74 11.10
N ASN B 234 -8.52 -6.50 11.24
CA ASN B 234 -9.14 -5.34 10.63
C ASN B 234 -8.88 -4.14 11.52
N LEU B 235 -7.98 -3.25 11.09
CA LEU B 235 -7.57 -2.08 11.88
C LEU B 235 -8.66 -1.00 12.01
N LEU B 236 -9.78 -1.07 11.28
CA LEU B 236 -10.89 -0.18 11.57
C LEU B 236 -11.90 -0.78 12.53
N ASP B 237 -11.69 -2.03 12.96
CA ASP B 237 -12.56 -2.68 13.94
C ASP B 237 -12.02 -2.37 15.33
N PRO B 238 -12.72 -1.59 16.14
CA PRO B 238 -12.19 -1.21 17.46
C PRO B 238 -11.77 -2.38 18.32
N LYS B 239 -12.47 -3.51 18.20
CA LYS B 239 -12.12 -4.70 18.96
C LYS B 239 -10.80 -5.31 18.54
N SER B 240 -10.17 -4.78 17.48
CA SER B 240 -8.82 -5.21 17.14
C SER B 240 -7.77 -4.67 18.10
N TRP B 241 -8.08 -3.57 18.81
CA TRP B 241 -7.12 -2.80 19.57
C TRP B 241 -7.28 -3.05 21.07
N HIS B 242 -6.24 -3.59 21.71
CA HIS B 242 -6.19 -3.75 23.16
C HIS B 242 -5.36 -2.61 23.75
N LYS B 243 -5.96 -1.87 24.70
CA LYS B 243 -5.25 -0.80 25.40
C LYS B 243 -4.62 -1.36 26.67
N SER B 244 -3.29 -1.18 26.79
CA SER B 244 -2.60 -1.59 28.01
C SER B 244 -3.17 -0.84 29.21
N PRO B 245 -3.38 -1.53 30.34
CA PRO B 245 -4.10 -0.90 31.45
C PRO B 245 -3.32 0.18 32.20
N ASN B 246 -2.00 0.09 32.21
CA ASN B 246 -1.15 1.00 32.97
C ASN B 246 -0.31 1.85 32.02
N PRO B 247 0.18 3.01 32.44
CA PRO B 247 1.14 3.73 31.61
C PRO B 247 2.30 2.82 31.24
N VAL B 248 2.77 2.95 30.00
CA VAL B 248 3.94 2.19 29.55
C VAL B 248 5.20 3.03 29.61
N PHE B 249 5.07 4.32 29.93
CA PHE B 249 6.20 5.24 30.09
C PHE B 249 5.70 6.42 30.92
N GLN B 250 6.42 6.72 32.01
CA GLN B 250 6.01 7.77 32.94
C GLN B 250 7.23 8.35 33.66
N SER B 251 6.96 9.46 34.38
CA SER B 251 7.94 10.08 35.26
C SER B 251 8.67 9.04 36.11
N ASN B 252 9.95 9.27 36.32
CA ASN B 252 10.77 8.46 37.22
C ASN B 252 11.55 9.47 38.05
N PRO B 253 11.16 9.68 39.30
CA PRO B 253 11.86 10.68 40.13
C PRO B 253 13.32 10.34 40.38
N SER B 254 13.68 9.06 40.37
CA SER B 254 15.06 8.67 40.64
C SER B 254 16.02 8.95 39.48
N THR B 255 15.56 9.03 38.23
CA THR B 255 16.39 9.52 37.13
C THR B 255 16.12 10.98 36.80
N GLY B 256 15.26 11.67 37.55
CA GLY B 256 15.08 13.11 37.36
C GLY B 256 14.29 13.54 36.14
N GLN B 257 13.43 12.68 35.58
CA GLN B 257 12.69 13.02 34.37
C GLN B 257 11.20 13.00 34.64
N TYR B 258 10.50 14.07 34.21
CA TYR B 258 9.12 14.32 34.59
C TYR B 258 8.24 14.56 33.36
N GLY B 259 7.07 13.92 33.39
CA GLY B 259 6.07 14.04 32.35
C GLY B 259 6.57 13.69 30.95
N PRO B 260 7.17 12.52 30.76
CA PRO B 260 7.68 12.17 29.43
C PRO B 260 6.55 11.75 28.50
N GLY B 261 6.61 12.21 27.25
CA GLY B 261 5.63 11.74 26.29
C GLY B 261 5.70 12.48 24.97
N HIS B 262 4.61 12.36 24.21
CA HIS B 262 4.47 12.79 22.81
C HIS B 262 5.71 12.39 21.98
N ASN B 263 5.98 11.09 21.99
CA ASN B 263 7.14 10.50 21.37
C ASN B 263 6.96 10.32 19.85
N SER B 264 8.06 9.94 19.21
CA SER B 264 8.08 9.42 17.85
C SER B 264 9.04 8.24 17.84
N PHE B 265 9.08 7.51 16.74
CA PHE B 265 9.95 6.34 16.63
C PHE B 265 10.87 6.47 15.42
N THR B 266 12.14 6.13 15.60
CA THR B 266 13.08 6.09 14.49
C THR B 266 14.02 4.91 14.70
N THR B 267 15.04 4.81 13.86
CA THR B 267 15.95 3.66 13.88
C THR B 267 17.41 4.13 13.88
N SER B 268 18.29 3.21 14.29
CA SER B 268 19.70 3.39 13.97
C SER B 268 19.84 3.41 12.44
N PRO B 269 20.95 3.98 11.94
CA PRO B 269 21.11 4.06 10.48
C PRO B 269 20.99 2.73 9.77
N ASP B 270 21.41 1.63 10.38
CA ASP B 270 21.27 0.33 9.71
C ASP B 270 19.87 -0.25 9.83
N GLY B 271 18.96 0.42 10.53
CA GLY B 271 17.58 -0.03 10.63
C GLY B 271 17.32 -1.14 11.65
N LYS B 272 18.32 -1.54 12.43
CA LYS B 272 18.22 -2.76 13.22
C LYS B 272 17.71 -2.56 14.65
N VAL B 273 17.89 -1.39 15.27
CA VAL B 273 17.24 -1.15 16.55
C VAL B 273 16.27 0.01 16.42
N ASP B 274 15.19 -0.07 17.19
CA ASP B 274 14.20 1.00 17.26
C ASP B 274 14.57 1.96 18.40
N ILE B 275 14.44 3.25 18.13
CA ILE B 275 14.84 4.30 19.05
C ILE B 275 13.63 5.19 19.29
N MET B 276 13.26 5.39 20.54
CA MET B 276 12.18 6.30 20.89
C MET B 276 12.75 7.68 21.15
N VAL B 277 12.17 8.68 20.51
CA VAL B 277 12.50 10.08 20.69
C VAL B 277 11.31 10.76 21.35
N TYR B 278 11.54 11.46 22.46
CA TYR B 278 10.45 12.00 23.25
C TYR B 278 10.90 13.24 23.99
N HIS B 279 9.95 13.87 24.70
CA HIS B 279 10.28 15.03 25.49
C HIS B 279 10.01 14.74 26.96
N ALA B 280 10.69 15.49 27.83
CA ALA B 280 10.48 15.49 29.27
C ALA B 280 11.16 16.72 29.87
N ARG B 281 10.77 17.04 31.10
CA ARG B 281 11.41 18.06 31.90
C ARG B 281 12.31 17.38 32.92
N ASN B 282 13.39 18.08 33.32
CA ASN B 282 14.28 17.50 34.32
C ASN B 282 13.96 17.95 35.75
N TYR B 283 12.82 18.62 35.95
CA TYR B 283 12.32 18.96 37.27
C TYR B 283 10.81 18.75 37.30
N ARG B 284 10.27 18.68 38.51
CA ARG B 284 8.91 18.21 38.77
C ARG B 284 7.88 19.32 38.86
N ASP B 285 8.11 20.33 39.70
CA ASP B 285 7.11 21.37 39.94
C ASP B 285 7.26 22.49 38.93
N ILE B 286 6.12 23.01 38.45
CA ILE B 286 6.09 23.96 37.35
C ILE B 286 5.47 25.28 37.83
N THR B 287 6.00 26.38 37.30
CA THR B 287 5.64 27.73 37.72
C THR B 287 4.81 28.37 36.62
N GLY B 288 3.61 28.81 36.95
CA GLY B 288 2.73 29.34 35.92
C GLY B 288 1.96 28.24 35.23
N ASP B 289 1.53 28.53 33.99
CA ASP B 289 0.73 27.60 33.19
C ASP B 289 1.59 26.57 32.48
N PRO B 290 1.48 25.28 32.84
CA PRO B 290 2.34 24.25 32.25
C PRO B 290 2.25 24.18 30.73
N LEU B 291 1.17 24.70 30.15
CA LEU B 291 1.03 24.68 28.71
C LEU B 291 2.03 25.61 28.04
N TYR B 292 2.57 26.59 28.78
CA TYR B 292 3.54 27.57 28.26
C TYR B 292 4.90 27.54 28.95
N ASP B 293 5.11 26.72 29.97
CA ASP B 293 6.45 26.42 30.45
C ASP B 293 7.26 25.80 29.32
N PRO B 294 8.37 26.42 28.89
CA PRO B 294 9.04 25.98 27.66
C PRO B 294 10.10 24.90 27.82
N ASN B 295 10.14 24.21 28.95
CA ASN B 295 11.31 23.44 29.33
C ASN B 295 11.17 21.94 29.11
N ARG B 296 10.28 21.52 28.22
CA ARG B 296 10.29 20.14 27.77
C ARG B 296 11.45 19.93 26.80
N HIS B 297 12.33 18.97 27.09
CA HIS B 297 13.54 18.72 26.30
C HIS B 297 13.42 17.43 25.50
N THR B 298 13.94 17.45 24.26
CA THR B 298 13.97 16.28 23.39
C THR B 298 15.08 15.33 23.81
N ARG B 299 14.76 14.05 23.95
CA ARG B 299 15.77 13.07 24.34
C ARG B 299 15.42 11.73 23.69
N ALA B 300 16.35 10.77 23.75
CA ALA B 300 16.13 9.48 23.09
C ALA B 300 16.73 8.33 23.91
N GLN B 301 16.18 7.13 23.67
CA GLN B 301 16.72 5.90 24.23
C GLN B 301 16.21 4.73 23.40
N ILE B 302 16.82 3.56 23.62
CA ILE B 302 16.47 2.39 22.83
C ILE B 302 15.06 1.93 23.21
N VAL B 303 14.38 1.30 22.26
CA VAL B 303 13.19 0.52 22.56
C VAL B 303 13.65 -0.94 22.69
N ASN B 304 13.44 -1.53 23.86
CA ASN B 304 13.79 -2.93 24.05
C ASN B 304 12.61 -3.83 23.69
N TRP B 305 12.89 -5.12 23.52
CA TRP B 305 11.90 -6.09 23.07
C TRP B 305 11.85 -7.25 24.04
N ASN B 306 10.67 -7.49 24.62
CA ASN B 306 10.50 -8.70 25.42
C ASN B 306 10.56 -9.95 24.53
N ALA B 307 10.72 -11.10 25.16
CA ALA B 307 10.82 -12.33 24.39
C ALA B 307 9.58 -12.61 23.55
N ASP B 308 8.41 -12.10 23.96
CA ASP B 308 7.17 -12.38 23.25
C ASP B 308 6.92 -11.40 22.11
N GLY B 309 7.80 -10.41 21.93
CA GLY B 309 7.72 -9.53 20.79
C GLY B 309 6.96 -8.25 21.02
N THR B 310 6.51 -8.01 22.24
CA THR B 310 5.91 -6.74 22.63
C THR B 310 6.99 -5.78 23.13
N PRO B 311 6.77 -4.48 22.99
CA PRO B 311 7.83 -3.51 23.31
C PRO B 311 8.01 -3.29 24.80
N ASP B 312 9.25 -3.11 25.20
CA ASP B 312 9.65 -2.76 26.58
C ASP B 312 10.29 -1.38 26.53
N PHE B 313 9.56 -0.36 26.96
CA PHE B 313 10.05 1.01 26.88
C PHE B 313 10.91 1.39 28.08
N GLY B 314 10.85 0.64 29.19
CA GLY B 314 11.65 0.90 30.38
C GLY B 314 11.34 2.24 31.02
N ILE B 315 12.38 2.85 31.60
CA ILE B 315 12.19 4.12 32.31
C ILE B 315 12.99 5.23 31.62
N PRO B 316 12.56 6.48 31.73
CA PRO B 316 13.35 7.57 31.14
C PRO B 316 14.76 7.58 31.74
N VAL B 317 15.77 7.50 30.87
CA VAL B 317 17.16 7.49 31.36
C VAL B 317 17.52 8.86 31.93
N ALA B 318 18.42 8.85 32.90
CA ALA B 318 18.91 10.11 33.43
C ALA B 318 19.66 10.85 32.33
N ASP B 319 19.78 12.17 32.49
CA ASP B 319 20.59 13.01 31.62
C ASP B 319 22.03 12.50 31.55
N GLY B 320 22.76 12.92 30.53
CA GLY B 320 24.10 12.43 30.32
C GLY B 320 24.21 11.53 29.10
N THR B 321 25.33 10.82 29.02
CA THR B 321 25.65 9.96 27.88
C THR B 321 24.84 8.66 27.89
N ASN B 322 24.41 8.24 26.71
CA ASN B 322 23.67 6.99 26.55
C ASN B 322 24.17 6.30 25.29
N VAL B 323 24.79 5.13 25.47
CA VAL B 323 25.15 4.29 24.34
C VAL B 323 23.89 3.52 23.97
N ILE B 324 23.23 3.96 22.91
CA ILE B 324 21.99 3.29 22.54
C ILE B 324 22.29 2.02 21.75
N TYR B 325 23.29 2.07 20.86
CA TYR B 325 23.50 0.96 19.94
C TYR B 325 24.90 1.02 19.33
N ILE B 326 25.61 -0.10 19.38
CA ILE B 326 26.84 -0.30 18.62
C ILE B 326 26.62 -1.50 17.70
N PRO B 327 26.81 -1.36 16.39
CA PRO B 327 26.51 -2.47 15.48
C PRO B 327 27.45 -3.65 15.73
N PRO B 328 26.91 -4.85 15.85
CA PRO B 328 27.77 -6.04 16.03
C PRO B 328 28.81 -6.16 14.92
N GLN B 329 29.97 -6.71 15.31
CA GLN B 329 31.26 -6.57 14.63
C GLN B 329 31.84 -5.16 14.82
#